data_2A20
#
_entry.id   2A20
#
_cell.length_a   1.000
_cell.length_b   1.000
_cell.length_c   1.000
_cell.angle_alpha   90.00
_cell.angle_beta   90.00
_cell.angle_gamma   90.00
#
_symmetry.space_group_name_H-M   'P 1'
#
loop_
_entity.id
_entity.type
_entity.pdbx_description
1 polymer 'Regulating synaptic membrane exocytosis protein 2'
2 non-polymer 'ZINC ION'
#
_entity_poly.entity_id   1
_entity_poly.type   'polypeptide(L)'
_entity_poly.pdbx_seq_one_letter_code
;GSQEQKGDAPTCGICHKTKFADGCGHNCSYCQTKFCARCGGRVSLRSNKVMWVCNLCRKQQE
;
_entity_poly.pdbx_strand_id   A
#
loop_
_chem_comp.id
_chem_comp.type
_chem_comp.name
_chem_comp.formula
ZN non-polymer 'ZINC ION' 'Zn 2'
#
# COMPACT_ATOMS: atom_id res chain seq x y z
N GLN A 3 -12.79 9.96 1.97
CA GLN A 3 -12.24 10.14 0.59
C GLN A 3 -12.79 11.40 -0.06
N GLU A 4 -11.88 12.28 -0.48
CA GLU A 4 -12.28 13.53 -1.12
C GLU A 4 -11.36 13.84 -2.30
N GLN A 5 -11.93 13.94 -3.49
CA GLN A 5 -11.16 14.23 -4.69
C GLN A 5 -10.81 15.72 -4.76
N LYS A 6 -9.59 16.05 -4.34
CA LYS A 6 -9.13 17.44 -4.35
C LYS A 6 -7.83 17.56 -5.15
N GLY A 7 -7.63 16.64 -6.08
CA GLY A 7 -6.42 16.67 -6.90
C GLY A 7 -5.18 16.28 -6.12
N ASP A 8 -5.37 15.59 -5.01
CA ASP A 8 -4.25 15.14 -4.18
C ASP A 8 -3.60 13.89 -4.75
N ALA A 9 -2.30 13.96 -4.98
CA ALA A 9 -1.56 12.84 -5.53
C ALA A 9 -1.43 11.71 -4.52
N PRO A 10 -1.03 10.50 -4.97
CA PRO A 10 -0.87 9.33 -4.11
C PRO A 10 0.48 9.33 -3.43
N THR A 11 0.48 9.12 -2.12
CA THR A 11 1.74 9.12 -1.36
C THR A 11 1.83 7.96 -0.38
N CYS A 12 3.06 7.52 -0.15
CA CYS A 12 3.35 6.43 0.78
C CYS A 12 3.18 6.90 2.22
N GLY A 13 2.52 6.09 3.04
CA GLY A 13 2.30 6.44 4.43
C GLY A 13 3.49 6.13 5.34
N ILE A 14 4.63 5.84 4.73
CA ILE A 14 5.84 5.53 5.49
C ILE A 14 6.95 6.53 5.17
N CYS A 15 7.46 6.47 3.95
CA CYS A 15 8.52 7.38 3.52
C CYS A 15 7.94 8.66 2.92
N HIS A 16 6.65 8.66 2.61
CA HIS A 16 5.98 9.82 2.05
C HIS A 16 6.71 10.36 0.82
N LYS A 17 7.48 9.49 0.17
CA LYS A 17 8.23 9.88 -1.02
C LYS A 17 7.66 9.21 -2.27
N THR A 18 7.64 7.89 -2.24
CA THR A 18 7.12 7.11 -3.37
C THR A 18 5.63 7.40 -3.57
N LYS A 19 5.30 8.04 -4.69
CA LYS A 19 3.92 8.36 -5.01
C LYS A 19 3.33 7.27 -5.90
N PHE A 20 2.22 6.70 -5.46
CA PHE A 20 1.57 5.63 -6.21
C PHE A 20 1.22 6.09 -7.63
N ALA A 21 0.83 5.14 -8.46
CA ALA A 21 0.48 5.43 -9.85
C ALA A 21 -0.92 6.06 -9.95
N ASP A 22 -1.41 6.20 -11.17
CA ASP A 22 -2.73 6.78 -11.41
C ASP A 22 -3.81 5.98 -10.69
N GLY A 23 -4.16 6.41 -9.48
CA GLY A 23 -5.18 5.73 -8.72
C GLY A 23 -4.79 5.52 -7.27
N CYS A 24 -4.45 4.29 -6.93
CA CYS A 24 -4.06 3.97 -5.56
C CYS A 24 -2.93 2.93 -5.54
N GLY A 25 -1.97 3.12 -4.64
CA GLY A 25 -0.86 2.21 -4.54
C GLY A 25 -1.19 0.95 -3.77
N HIS A 26 -0.28 0.54 -2.90
CA HIS A 26 -0.47 -0.66 -2.08
C HIS A 26 -1.02 -0.29 -0.70
N ASN A 27 -2.19 -0.83 -0.37
CA ASN A 27 -2.81 -0.54 0.92
C ASN A 27 -2.77 -1.77 1.82
N CYS A 28 -2.32 -1.58 3.06
CA CYS A 28 -2.24 -2.67 4.02
C CYS A 28 -3.58 -3.36 4.19
N SER A 29 -3.61 -4.66 3.94
CA SER A 29 -4.84 -5.44 4.07
C SER A 29 -5.38 -5.37 5.50
N TYR A 30 -4.52 -4.95 6.43
CA TYR A 30 -4.91 -4.84 7.84
C TYR A 30 -5.12 -3.38 8.24
N CYS A 31 -4.02 -2.67 8.47
CA CYS A 31 -4.08 -1.27 8.88
C CYS A 31 -4.81 -0.41 7.85
N GLN A 32 -4.84 -0.87 6.60
CA GLN A 32 -5.48 -0.14 5.52
C GLN A 32 -4.64 1.06 5.08
N THR A 33 -3.46 1.23 5.69
CA THR A 33 -2.57 2.34 5.36
C THR A 33 -2.02 2.20 3.95
N LYS A 34 -1.84 3.34 3.29
CA LYS A 34 -1.30 3.34 1.92
C LYS A 34 0.22 3.35 1.94
N PHE A 35 0.82 2.29 1.41
CA PHE A 35 2.27 2.18 1.36
C PHE A 35 2.75 1.80 -0.03
N CYS A 36 4.05 2.00 -0.27
CA CYS A 36 4.65 1.69 -1.56
C CYS A 36 5.10 0.23 -1.61
N ALA A 37 5.52 -0.21 -2.79
CA ALA A 37 5.96 -1.59 -2.97
C ALA A 37 7.17 -1.92 -2.09
N ARG A 38 7.83 -0.89 -1.56
CA ARG A 38 9.00 -1.09 -0.70
C ARG A 38 8.61 -1.11 0.78
N CYS A 39 7.43 -0.60 1.11
CA CYS A 39 6.98 -0.57 2.48
C CYS A 39 5.88 -1.60 2.73
N GLY A 40 5.92 -2.68 1.97
CA GLY A 40 4.92 -3.73 2.11
C GLY A 40 5.23 -4.95 1.26
N GLY A 41 4.29 -5.88 1.21
CA GLY A 41 4.49 -7.09 0.43
C GLY A 41 3.21 -7.56 -0.25
N ARG A 42 3.36 -8.34 -1.30
CA ARG A 42 2.22 -8.86 -2.05
C ARG A 42 1.73 -10.18 -1.46
N VAL A 43 0.47 -10.20 -1.05
CA VAL A 43 -0.12 -11.41 -0.47
C VAL A 43 -1.52 -11.65 -1.03
N SER A 44 -1.60 -12.44 -2.10
CA SER A 44 -2.87 -12.74 -2.74
C SER A 44 -3.49 -14.00 -2.15
N LEU A 45 -4.76 -13.92 -1.80
CA LEU A 45 -5.49 -15.06 -1.23
C LEU A 45 -6.18 -15.83 -2.34
N ARG A 46 -5.42 -16.66 -3.04
CA ARG A 46 -5.95 -17.45 -4.14
C ARG A 46 -6.37 -16.54 -5.28
N SER A 47 -6.02 -16.92 -6.50
CA SER A 47 -6.36 -16.11 -7.68
C SER A 47 -7.80 -15.61 -7.62
N ASN A 48 -7.96 -14.37 -7.17
CA ASN A 48 -9.28 -13.77 -7.06
C ASN A 48 -9.18 -12.35 -6.51
N LYS A 49 -8.24 -12.15 -5.60
CA LYS A 49 -8.03 -10.84 -4.99
C LYS A 49 -6.60 -10.69 -4.47
N VAL A 50 -5.95 -9.62 -4.88
CA VAL A 50 -4.57 -9.34 -4.46
C VAL A 50 -4.55 -8.39 -3.28
N MET A 51 -4.01 -8.85 -2.15
CA MET A 51 -3.94 -8.03 -0.94
C MET A 51 -2.48 -7.71 -0.59
N TRP A 52 -2.26 -6.50 -0.10
CA TRP A 52 -0.93 -6.06 0.29
C TRP A 52 -0.83 -5.82 1.78
N VAL A 53 0.20 -6.37 2.40
CA VAL A 53 0.42 -6.22 3.84
C VAL A 53 1.74 -5.50 4.12
N CYS A 54 1.67 -4.41 4.89
CA CYS A 54 2.85 -3.63 5.22
C CYS A 54 3.90 -4.48 5.92
N ASN A 55 5.16 -4.04 5.80
CA ASN A 55 6.29 -4.74 6.43
C ASN A 55 6.10 -4.91 7.93
N LEU A 56 5.20 -4.11 8.52
CA LEU A 56 4.94 -4.19 9.94
C LEU A 56 3.98 -5.32 10.25
N CYS A 57 3.09 -5.60 9.31
CA CYS A 57 2.12 -6.66 9.45
C CYS A 57 2.68 -7.98 8.91
N ARG A 58 3.29 -7.91 7.74
CA ARG A 58 3.89 -9.08 7.11
C ARG A 58 4.99 -9.67 7.98
N LYS A 59 5.64 -8.82 8.76
CA LYS A 59 6.72 -9.26 9.63
C LYS A 59 6.19 -9.69 10.99
N GLN A 60 5.41 -8.81 11.61
CA GLN A 60 4.84 -9.09 12.93
C GLN A 60 3.88 -10.28 12.88
N GLN A 61 3.19 -10.45 11.76
CA GLN A 61 2.25 -11.55 11.60
C GLN A 61 2.94 -12.79 11.02
N GLU A 62 4.27 -12.76 10.95
CA GLU A 62 5.03 -13.89 10.41
C GLU A 62 4.47 -14.33 9.07
ZN ZN B . 6.75 3.88 1.51
ZN ZN C . -0.61 -3.22 7.97
N GLN A 3 3.68 20.26 -11.84
CA GLN A 3 3.51 21.40 -10.91
C GLN A 3 2.14 21.36 -10.25
N GLU A 4 1.09 21.52 -11.06
CA GLU A 4 -0.28 21.50 -10.56
C GLU A 4 -1.26 21.13 -11.66
N GLN A 5 -2.07 20.11 -11.41
CA GLN A 5 -3.05 19.66 -12.38
C GLN A 5 -4.24 18.98 -11.69
N LYS A 6 -4.03 17.74 -11.26
CA LYS A 6 -5.08 16.98 -10.59
C LYS A 6 -5.18 17.37 -9.12
N GLY A 7 -6.14 16.78 -8.41
CA GLY A 7 -6.32 17.08 -7.01
C GLY A 7 -5.06 16.83 -6.19
N ASP A 8 -4.99 15.68 -5.55
CA ASP A 8 -3.83 15.32 -4.74
C ASP A 8 -3.25 13.98 -5.17
N ALA A 9 -1.95 13.97 -5.43
CA ALA A 9 -1.27 12.75 -5.85
C ALA A 9 -1.19 11.75 -4.70
N PRO A 10 -0.91 10.47 -5.02
CA PRO A 10 -0.82 9.41 -4.04
C PRO A 10 0.57 9.36 -3.41
N THR A 11 0.62 9.18 -2.09
CA THR A 11 1.89 9.13 -1.39
C THR A 11 1.94 8.02 -0.35
N CYS A 12 3.14 7.48 -0.17
CA CYS A 12 3.38 6.42 0.79
C CYS A 12 3.23 6.94 2.22
N GLY A 13 2.55 6.16 3.07
CA GLY A 13 2.35 6.57 4.45
C GLY A 13 3.52 6.23 5.36
N ILE A 14 4.67 5.94 4.77
CA ILE A 14 5.87 5.60 5.53
C ILE A 14 7.02 6.51 5.15
N CYS A 15 7.53 6.35 3.94
CA CYS A 15 8.64 7.17 3.45
C CYS A 15 8.14 8.43 2.73
N HIS A 16 6.83 8.51 2.50
CA HIS A 16 6.23 9.67 1.85
C HIS A 16 7.02 10.10 0.62
N LYS A 17 7.68 9.14 -0.03
CA LYS A 17 8.45 9.43 -1.22
C LYS A 17 7.81 8.82 -2.46
N THR A 18 7.68 7.50 -2.46
CA THR A 18 7.07 6.78 -3.57
C THR A 18 5.61 7.16 -3.75
N LYS A 19 5.29 7.76 -4.89
CA LYS A 19 3.93 8.17 -5.20
C LYS A 19 3.24 7.08 -6.01
N PHE A 20 2.10 6.62 -5.52
CA PHE A 20 1.35 5.57 -6.20
C PHE A 20 0.90 6.01 -7.59
N ALA A 21 0.21 5.10 -8.28
CA ALA A 21 -0.30 5.38 -9.61
C ALA A 21 -1.77 5.00 -9.71
N ASP A 22 -2.47 5.61 -10.66
CA ASP A 22 -3.89 5.33 -10.86
C ASP A 22 -4.74 5.90 -9.71
N GLY A 23 -4.11 6.65 -8.80
CA GLY A 23 -4.85 7.21 -7.69
C GLY A 23 -4.54 6.57 -6.35
N CYS A 24 -4.32 5.26 -6.35
CA CYS A 24 -4.02 4.54 -5.11
C CYS A 24 -2.98 3.44 -5.34
N GLY A 25 -2.07 3.30 -4.38
CA GLY A 25 -1.03 2.29 -4.48
C GLY A 25 -1.34 1.03 -3.70
N HIS A 26 -0.39 0.59 -2.89
CA HIS A 26 -0.54 -0.62 -2.09
C HIS A 26 -0.96 -0.28 -0.68
N ASN A 27 -2.16 -0.74 -0.29
CA ASN A 27 -2.67 -0.46 1.04
C ASN A 27 -2.69 -1.73 1.90
N CYS A 28 -2.28 -1.60 3.15
CA CYS A 28 -2.24 -2.74 4.07
C CYS A 28 -3.60 -3.41 4.15
N SER A 29 -3.61 -4.72 3.91
CA SER A 29 -4.84 -5.50 3.96
C SER A 29 -5.51 -5.39 5.33
N TYR A 30 -4.75 -4.97 6.34
CA TYR A 30 -5.27 -4.84 7.69
C TYR A 30 -5.37 -3.37 8.10
N CYS A 31 -4.22 -2.77 8.39
CA CYS A 31 -4.16 -1.37 8.80
C CYS A 31 -4.82 -0.46 7.77
N GLN A 32 -4.87 -0.92 6.52
CA GLN A 32 -5.46 -0.15 5.43
C GLN A 32 -4.61 1.06 5.07
N THR A 33 -3.43 1.20 5.69
CA THR A 33 -2.55 2.32 5.41
C THR A 33 -2.01 2.24 4.00
N LYS A 34 -1.85 3.39 3.37
CA LYS A 34 -1.34 3.45 2.00
C LYS A 34 0.18 3.45 2.00
N PHE A 35 0.76 2.38 1.48
CA PHE A 35 2.22 2.26 1.43
C PHE A 35 2.69 1.86 0.03
N CYS A 36 3.98 2.05 -0.21
CA CYS A 36 4.60 1.73 -1.49
C CYS A 36 5.05 0.28 -1.53
N ALA A 37 5.48 -0.18 -2.71
CA ALA A 37 5.92 -1.55 -2.89
C ALA A 37 7.14 -1.85 -2.00
N ARG A 38 7.78 -0.81 -1.49
CA ARG A 38 8.95 -0.99 -0.63
C ARG A 38 8.56 -1.04 0.84
N CYS A 39 7.35 -0.57 1.17
CA CYS A 39 6.89 -0.59 2.55
C CYS A 39 5.77 -1.60 2.73
N GLY A 40 5.87 -2.72 2.02
CA GLY A 40 4.86 -3.76 2.10
C GLY A 40 5.10 -4.88 1.12
N GLY A 41 4.45 -6.02 1.36
CA GLY A 41 4.60 -7.16 0.48
C GLY A 41 3.30 -7.57 -0.17
N ARG A 42 3.38 -8.10 -1.39
CA ARG A 42 2.20 -8.52 -2.12
C ARG A 42 1.86 -9.97 -1.80
N VAL A 43 0.58 -10.23 -1.52
CA VAL A 43 0.13 -11.58 -1.20
C VAL A 43 -1.12 -11.94 -2.01
N SER A 44 -1.05 -13.03 -2.75
CA SER A 44 -2.17 -13.49 -3.56
C SER A 44 -3.01 -14.51 -2.82
N LEU A 45 -4.33 -14.35 -2.91
CA LEU A 45 -5.26 -15.27 -2.25
C LEU A 45 -5.69 -16.39 -3.18
N ARG A 46 -6.05 -16.02 -4.41
CA ARG A 46 -6.49 -16.99 -5.39
C ARG A 46 -5.94 -16.66 -6.78
N SER A 47 -6.30 -15.48 -7.29
CA SER A 47 -5.85 -15.04 -8.60
C SER A 47 -6.32 -13.62 -8.90
N ASN A 48 -7.54 -13.31 -8.48
CA ASN A 48 -8.11 -11.98 -8.70
C ASN A 48 -8.11 -11.17 -7.42
N LYS A 49 -8.14 -11.85 -6.28
CA LYS A 49 -8.15 -11.18 -4.99
C LYS A 49 -6.73 -10.85 -4.53
N VAL A 50 -6.29 -9.63 -4.80
CA VAL A 50 -4.95 -9.21 -4.42
C VAL A 50 -4.96 -8.42 -3.12
N MET A 51 -3.95 -8.64 -2.29
CA MET A 51 -3.85 -7.95 -1.01
C MET A 51 -2.39 -7.60 -0.70
N TRP A 52 -2.19 -6.47 -0.04
CA TRP A 52 -0.85 -6.01 0.31
C TRP A 52 -0.68 -5.92 1.82
N VAL A 53 0.43 -6.44 2.32
CA VAL A 53 0.74 -6.43 3.74
C VAL A 53 1.96 -5.56 4.03
N CYS A 54 1.78 -4.54 4.86
CA CYS A 54 2.89 -3.64 5.21
C CYS A 54 4.00 -4.39 5.93
N ASN A 55 5.21 -3.83 5.86
CA ASN A 55 6.37 -4.44 6.49
C ASN A 55 6.15 -4.73 7.97
N LEU A 56 5.17 -4.06 8.57
CA LEU A 56 4.89 -4.26 9.99
C LEU A 56 4.03 -5.49 10.21
N CYS A 57 3.11 -5.73 9.27
CA CYS A 57 2.22 -6.89 9.35
C CYS A 57 2.86 -8.08 8.65
N ARG A 58 3.60 -7.81 7.59
CA ARG A 58 4.27 -8.85 6.82
C ARG A 58 5.30 -9.58 7.66
N LYS A 59 6.01 -8.82 8.50
CA LYS A 59 7.03 -9.40 9.37
C LYS A 59 6.39 -10.07 10.58
N GLN A 60 5.42 -9.39 11.18
CA GLN A 60 4.72 -9.93 12.34
C GLN A 60 3.91 -11.16 11.93
N GLN A 61 3.49 -11.19 10.67
CA GLN A 61 2.72 -12.31 10.16
C GLN A 61 3.61 -13.52 9.87
N GLU A 62 4.92 -13.32 9.91
CA GLU A 62 5.87 -14.39 9.65
C GLU A 62 7.18 -14.15 10.39
ZN ZN B . 6.66 3.78 1.64
ZN ZN C . -0.68 -3.51 7.99
N GLN A 3 -3.92 27.40 -0.50
CA GLN A 3 -3.99 25.99 -0.03
C GLN A 3 -5.32 25.36 -0.42
N GLU A 4 -5.71 25.53 -1.68
CA GLU A 4 -6.97 24.97 -2.17
C GLU A 4 -6.76 24.23 -3.49
N GLN A 5 -6.97 22.92 -3.47
CA GLN A 5 -6.79 22.10 -4.67
C GLN A 5 -7.93 21.10 -4.81
N LYS A 6 -7.96 20.38 -5.92
CA LYS A 6 -9.00 19.39 -6.18
C LYS A 6 -8.40 18.08 -6.69
N GLY A 7 -7.20 17.76 -6.24
CA GLY A 7 -6.56 16.53 -6.66
C GLY A 7 -5.13 16.40 -6.14
N ASP A 8 -4.98 15.69 -5.03
CA ASP A 8 -3.66 15.49 -4.43
C ASP A 8 -3.03 14.20 -4.95
N ALA A 9 -1.71 14.22 -5.11
CA ALA A 9 -0.98 13.06 -5.60
C ALA A 9 -0.96 11.95 -4.56
N PRO A 10 -0.65 10.71 -4.98
CA PRO A 10 -0.58 9.55 -4.11
C PRO A 10 0.76 9.44 -3.40
N THR A 11 0.74 9.26 -2.09
CA THR A 11 1.99 9.18 -1.33
C THR A 11 1.99 8.04 -0.32
N CYS A 12 3.18 7.50 -0.11
CA CYS A 12 3.39 6.40 0.83
C CYS A 12 3.20 6.87 2.27
N GLY A 13 2.53 6.06 3.08
CA GLY A 13 2.28 6.42 4.47
C GLY A 13 3.44 6.08 5.39
N ILE A 14 4.59 5.76 4.81
CA ILE A 14 5.77 5.42 5.58
C ILE A 14 6.91 6.38 5.26
N CYS A 15 7.46 6.27 4.05
CA CYS A 15 8.56 7.12 3.63
C CYS A 15 8.04 8.40 2.95
N HIS A 16 6.73 8.46 2.69
CA HIS A 16 6.10 9.61 2.07
C HIS A 16 6.92 10.12 0.88
N LYS A 17 7.56 9.21 0.18
CA LYS A 17 8.37 9.57 -0.98
C LYS A 17 7.82 8.93 -2.25
N THR A 18 7.71 7.61 -2.24
CA THR A 18 7.20 6.87 -3.39
C THR A 18 5.74 7.23 -3.66
N LYS A 19 5.48 7.73 -4.87
CA LYS A 19 4.14 8.10 -5.27
C LYS A 19 3.46 6.94 -5.97
N PHE A 20 2.30 6.52 -5.45
CA PHE A 20 1.58 5.39 -6.02
C PHE A 20 1.36 5.58 -7.52
N ALA A 21 0.81 4.56 -8.16
CA ALA A 21 0.55 4.59 -9.59
C ALA A 21 -0.13 5.88 -10.00
N ASP A 22 -1.41 6.00 -9.68
CA ASP A 22 -2.18 7.19 -10.02
C ASP A 22 -2.88 7.78 -8.80
N GLY A 23 -3.38 6.91 -7.92
CA GLY A 23 -4.07 7.38 -6.74
C GLY A 23 -4.02 6.39 -5.59
N CYS A 24 -4.57 5.19 -5.81
CA CYS A 24 -4.59 4.16 -4.79
C CYS A 24 -3.48 3.13 -5.00
N GLY A 25 -2.33 3.34 -4.35
CA GLY A 25 -1.23 2.41 -4.49
C GLY A 25 -1.48 1.11 -3.74
N HIS A 26 -0.52 0.72 -2.90
CA HIS A 26 -0.65 -0.50 -2.12
C HIS A 26 -1.11 -0.17 -0.70
N ASN A 27 -2.28 -0.67 -0.34
CA ASN A 27 -2.84 -0.43 0.98
C ASN A 27 -2.79 -1.68 1.85
N CYS A 28 -2.35 -1.52 3.09
CA CYS A 28 -2.25 -2.64 4.02
C CYS A 28 -3.59 -3.35 4.16
N SER A 29 -3.61 -4.64 3.85
CA SER A 29 -4.82 -5.43 3.96
C SER A 29 -5.38 -5.40 5.37
N TYR A 30 -4.53 -5.02 6.34
CA TYR A 30 -4.95 -4.95 7.73
C TYR A 30 -5.17 -3.50 8.18
N CYS A 31 -4.08 -2.78 8.43
CA CYS A 31 -4.15 -1.39 8.86
C CYS A 31 -4.88 -0.52 7.86
N GLN A 32 -4.89 -0.95 6.60
CA GLN A 32 -5.55 -0.19 5.53
C GLN A 32 -4.70 1.03 5.12
N THR A 33 -3.53 1.18 5.75
CA THR A 33 -2.64 2.30 5.44
C THR A 33 -2.10 2.20 4.02
N LYS A 34 -1.93 3.34 3.37
CA LYS A 34 -1.42 3.37 2.01
C LYS A 34 0.11 3.39 2.01
N PHE A 35 0.70 2.32 1.49
CA PHE A 35 2.14 2.20 1.42
C PHE A 35 2.59 1.83 0.01
N CYS A 36 3.89 2.03 -0.25
CA CYS A 36 4.46 1.73 -1.55
C CYS A 36 4.90 0.27 -1.62
N ALA A 37 5.28 -0.17 -2.81
CA ALA A 37 5.72 -1.54 -3.02
C ALA A 37 6.96 -1.87 -2.20
N ARG A 38 7.63 -0.83 -1.69
CA ARG A 38 8.83 -1.04 -0.88
C ARG A 38 8.51 -1.07 0.60
N CYS A 39 7.34 -0.57 0.98
CA CYS A 39 6.94 -0.56 2.38
C CYS A 39 5.86 -1.60 2.65
N GLY A 40 5.96 -2.72 1.94
CA GLY A 40 4.98 -3.79 2.11
C GLY A 40 5.34 -5.01 1.28
N GLY A 41 4.51 -6.05 1.38
CA GLY A 41 4.77 -7.26 0.62
C GLY A 41 3.54 -7.77 -0.11
N ARG A 42 3.75 -8.63 -1.11
CA ARG A 42 2.66 -9.18 -1.88
C ARG A 42 2.12 -10.45 -1.22
N VAL A 43 0.80 -10.54 -1.09
CA VAL A 43 0.16 -11.69 -0.47
C VAL A 43 -1.02 -12.18 -1.30
N SER A 44 -0.94 -13.43 -1.75
CA SER A 44 -2.00 -14.02 -2.56
C SER A 44 -3.00 -14.76 -1.67
N LEU A 45 -4.29 -14.49 -1.88
CA LEU A 45 -5.34 -15.12 -1.10
C LEU A 45 -6.59 -15.34 -1.95
N ARG A 46 -7.52 -16.14 -1.41
CA ARG A 46 -8.77 -16.44 -2.12
C ARG A 46 -8.50 -16.96 -3.52
N SER A 47 -9.56 -17.08 -4.32
CA SER A 47 -9.44 -17.58 -5.69
C SER A 47 -8.25 -16.98 -6.41
N ASN A 48 -8.12 -15.65 -6.34
CA ASN A 48 -7.01 -14.96 -7.00
C ASN A 48 -7.05 -13.47 -6.71
N LYS A 49 -7.40 -13.11 -5.48
CA LYS A 49 -7.46 -11.71 -5.08
C LYS A 49 -6.09 -11.22 -4.61
N VAL A 50 -5.75 -10.00 -4.99
CA VAL A 50 -4.46 -9.42 -4.61
C VAL A 50 -4.60 -8.51 -3.39
N MET A 51 -3.74 -8.74 -2.40
CA MET A 51 -3.74 -7.95 -1.18
C MET A 51 -2.33 -7.64 -0.73
N TRP A 52 -2.13 -6.41 -0.26
CA TRP A 52 -0.81 -5.97 0.19
C TRP A 52 -0.77 -5.83 1.71
N VAL A 53 0.38 -6.16 2.30
CA VAL A 53 0.56 -6.07 3.74
C VAL A 53 1.85 -5.32 4.07
N CYS A 54 1.73 -4.25 4.86
CA CYS A 54 2.88 -3.43 5.23
C CYS A 54 3.96 -4.25 5.93
N ASN A 55 5.19 -3.77 5.83
CA ASN A 55 6.34 -4.43 6.43
C ASN A 55 6.16 -4.64 7.94
N LEU A 56 5.22 -3.91 8.54
CA LEU A 56 4.97 -4.03 9.97
C LEU A 56 4.10 -5.24 10.25
N CYS A 57 3.18 -5.52 9.34
CA CYS A 57 2.29 -6.66 9.46
C CYS A 57 2.94 -7.91 8.89
N ARG A 58 3.80 -7.71 7.90
CA ARG A 58 4.50 -8.81 7.26
C ARG A 58 5.42 -9.53 8.24
N LYS A 59 6.15 -8.77 9.04
CA LYS A 59 7.08 -9.33 10.02
C LYS A 59 6.36 -9.64 11.33
N GLN A 60 5.61 -8.67 11.83
CA GLN A 60 4.88 -8.84 13.08
C GLN A 60 4.00 -10.08 13.04
N GLN A 61 3.64 -10.51 11.83
CA GLN A 61 2.80 -11.69 11.66
C GLN A 61 3.58 -12.84 11.06
N GLU A 62 4.91 -12.74 11.04
CA GLU A 62 5.76 -13.79 10.49
C GLU A 62 7.23 -13.51 10.78
ZN ZN B . 6.67 3.70 1.58
ZN ZN C . -0.61 -3.28 7.95
N GLN A 3 -13.05 21.84 3.71
CA GLN A 3 -12.79 20.49 3.15
C GLN A 3 -13.04 20.48 1.64
N GLU A 4 -12.21 21.20 0.90
CA GLU A 4 -12.34 21.28 -0.55
C GLU A 4 -11.00 21.03 -1.23
N GLN A 5 -10.40 19.87 -0.95
CA GLN A 5 -9.12 19.51 -1.54
C GLN A 5 -9.30 18.50 -2.67
N LYS A 6 -9.58 19.00 -3.86
CA LYS A 6 -9.78 18.15 -5.02
C LYS A 6 -8.47 17.92 -5.77
N GLY A 7 -8.17 16.66 -6.06
CA GLY A 7 -6.95 16.33 -6.77
C GLY A 7 -5.79 16.04 -5.83
N ASP A 8 -5.86 14.89 -5.17
CA ASP A 8 -4.82 14.49 -4.23
C ASP A 8 -3.89 13.45 -4.86
N ALA A 9 -2.60 13.75 -4.87
CA ALA A 9 -1.61 12.84 -5.45
C ALA A 9 -1.44 11.60 -4.57
N PRO A 10 -0.88 10.52 -5.15
CA PRO A 10 -0.65 9.27 -4.44
C PRO A 10 0.66 9.30 -3.66
N THR A 11 0.59 9.06 -2.36
CA THR A 11 1.79 9.11 -1.53
C THR A 11 1.86 7.98 -0.51
N CYS A 12 3.08 7.56 -0.23
CA CYS A 12 3.34 6.49 0.73
C CYS A 12 3.14 6.98 2.15
N GLY A 13 2.47 6.17 2.98
CA GLY A 13 2.22 6.54 4.36
C GLY A 13 3.39 6.24 5.28
N ILE A 14 4.54 5.89 4.70
CA ILE A 14 5.73 5.58 5.48
C ILE A 14 6.85 6.57 5.17
N CYS A 15 7.37 6.49 3.95
CA CYS A 15 8.45 7.38 3.54
C CYS A 15 7.93 8.68 2.90
N HIS A 16 6.63 8.70 2.57
CA HIS A 16 6.02 9.87 1.98
C HIS A 16 6.82 10.37 0.78
N LYS A 17 7.58 9.46 0.16
CA LYS A 17 8.39 9.82 -0.99
C LYS A 17 7.82 9.17 -2.24
N THR A 18 7.80 7.84 -2.25
CA THR A 18 7.27 7.09 -3.38
C THR A 18 5.79 7.37 -3.58
N LYS A 19 5.46 8.00 -4.72
CA LYS A 19 4.08 8.31 -5.04
C LYS A 19 3.48 7.19 -5.86
N PHE A 20 2.37 6.63 -5.36
CA PHE A 20 1.71 5.53 -6.05
C PHE A 20 1.37 5.91 -7.49
N ALA A 21 0.87 4.93 -8.24
CA ALA A 21 0.50 5.14 -9.63
C ALA A 21 -1.02 5.20 -9.79
N ASP A 22 -1.49 6.04 -10.69
CA ASP A 22 -2.92 6.20 -10.94
C ASP A 22 -3.70 6.31 -9.63
N GLY A 23 -3.03 6.81 -8.59
CA GLY A 23 -3.67 6.95 -7.30
C GLY A 23 -4.24 5.64 -6.76
N CYS A 24 -3.45 4.58 -6.86
CA CYS A 24 -3.88 3.27 -6.38
C CYS A 24 -2.71 2.46 -5.84
N GLY A 25 -1.98 3.02 -4.87
CA GLY A 25 -0.84 2.31 -4.31
C GLY A 25 -1.24 1.03 -3.61
N HIS A 26 -0.32 0.51 -2.80
CA HIS A 26 -0.56 -0.71 -2.05
C HIS A 26 -0.95 -0.39 -0.62
N ASN A 27 -2.17 -0.73 -0.25
CA ASN A 27 -2.67 -0.46 1.09
C ASN A 27 -2.69 -1.73 1.93
N CYS A 28 -2.24 -1.60 3.18
CA CYS A 28 -2.21 -2.73 4.11
C CYS A 28 -3.57 -3.39 4.20
N SER A 29 -3.61 -4.70 3.97
CA SER A 29 -4.85 -5.46 4.04
C SER A 29 -5.48 -5.36 5.42
N TYR A 30 -4.70 -4.95 6.43
CA TYR A 30 -5.19 -4.83 7.79
C TYR A 30 -5.27 -3.36 8.22
N CYS A 31 -4.11 -2.76 8.45
CA CYS A 31 -4.04 -1.36 8.88
C CYS A 31 -4.73 -0.44 7.87
N GLN A 32 -4.80 -0.89 6.62
CA GLN A 32 -5.42 -0.12 5.55
C GLN A 32 -4.57 1.09 5.16
N THR A 33 -3.38 1.21 5.75
CA THR A 33 -2.49 2.32 5.46
C THR A 33 -1.97 2.23 4.03
N LYS A 34 -1.86 3.37 3.37
CA LYS A 34 -1.36 3.40 1.99
C LYS A 34 0.16 3.41 1.98
N PHE A 35 0.74 2.36 1.43
CA PHE A 35 2.19 2.24 1.36
C PHE A 35 2.66 1.83 -0.03
N CYS A 36 3.95 2.02 -0.29
CA CYS A 36 4.55 1.68 -1.57
C CYS A 36 4.99 0.22 -1.59
N ALA A 37 5.37 -0.26 -2.78
CA ALA A 37 5.81 -1.63 -2.93
C ALA A 37 7.05 -1.93 -2.07
N ARG A 38 7.70 -0.88 -1.58
CA ARG A 38 8.89 -1.04 -0.75
C ARG A 38 8.54 -1.07 0.73
N CYS A 39 7.34 -0.57 1.08
CA CYS A 39 6.90 -0.56 2.46
C CYS A 39 5.83 -1.61 2.71
N GLY A 40 5.88 -2.68 1.93
CA GLY A 40 4.90 -3.76 2.07
C GLY A 40 5.11 -4.85 1.04
N GLY A 41 4.38 -5.95 1.19
CA GLY A 41 4.51 -7.05 0.26
C GLY A 41 3.24 -7.31 -0.54
N ARG A 42 3.39 -7.87 -1.73
CA ARG A 42 2.25 -8.17 -2.60
C ARG A 42 1.71 -9.57 -2.31
N VAL A 43 0.40 -9.66 -2.07
CA VAL A 43 -0.23 -10.95 -1.78
C VAL A 43 -1.55 -11.09 -2.54
N SER A 44 -1.48 -11.71 -3.72
CA SER A 44 -2.67 -11.92 -4.53
C SER A 44 -3.29 -13.29 -4.24
N LEU A 45 -4.47 -13.29 -3.64
CA LEU A 45 -5.15 -14.53 -3.32
C LEU A 45 -6.11 -14.94 -4.43
N ARG A 46 -6.17 -16.24 -4.71
CA ARG A 46 -7.04 -16.77 -5.75
C ARG A 46 -6.63 -16.23 -7.13
N SER A 47 -7.09 -15.03 -7.44
CA SER A 47 -6.77 -14.42 -8.73
C SER A 47 -7.19 -12.95 -8.76
N ASN A 48 -8.45 -12.69 -8.45
CA ASN A 48 -8.97 -11.33 -8.44
C ASN A 48 -8.81 -10.67 -7.06
N LYS A 49 -8.58 -11.49 -6.03
CA LYS A 49 -8.42 -10.97 -4.69
C LYS A 49 -6.99 -10.53 -4.43
N VAL A 50 -6.72 -9.25 -4.69
CA VAL A 50 -5.39 -8.69 -4.50
C VAL A 50 -5.30 -7.95 -3.17
N MET A 51 -4.33 -8.34 -2.34
CA MET A 51 -4.13 -7.71 -1.05
C MET A 51 -2.65 -7.51 -0.76
N TRP A 52 -2.33 -6.51 0.05
CA TRP A 52 -0.95 -6.21 0.40
C TRP A 52 -0.74 -6.20 1.90
N VAL A 53 0.47 -6.53 2.33
CA VAL A 53 0.82 -6.56 3.74
C VAL A 53 2.03 -5.66 4.03
N CYS A 54 1.84 -4.68 4.90
CA CYS A 54 2.92 -3.75 5.23
C CYS A 54 4.04 -4.48 5.99
N ASN A 55 5.23 -3.91 5.94
CA ASN A 55 6.40 -4.48 6.60
C ASN A 55 6.15 -4.75 8.08
N LEU A 56 5.14 -4.09 8.66
CA LEU A 56 4.84 -4.25 10.07
C LEU A 56 4.00 -5.51 10.31
N CYS A 57 3.09 -5.79 9.38
CA CYS A 57 2.24 -6.97 9.49
C CYS A 57 2.92 -8.18 8.89
N ARG A 58 3.73 -7.94 7.86
CA ARG A 58 4.45 -9.01 7.20
C ARG A 58 5.43 -9.68 8.16
N LYS A 59 6.09 -8.86 8.98
CA LYS A 59 7.05 -9.37 9.96
C LYS A 59 6.35 -9.78 11.25
N GLN A 60 5.42 -8.94 11.70
CA GLN A 60 4.68 -9.22 12.92
C GLN A 60 3.79 -10.45 12.76
N GLN A 61 3.42 -10.76 11.52
CA GLN A 61 2.57 -11.92 11.24
C GLN A 61 3.36 -12.99 10.47
N GLU A 62 4.67 -12.83 10.39
CA GLU A 62 5.51 -13.81 9.68
C GLU A 62 4.92 -14.15 8.31
ZN ZN B . 6.68 3.88 1.49
ZN ZN C . -0.57 -3.47 8.00
N GLN A 3 -3.35 11.66 -18.67
CA GLN A 3 -2.78 12.77 -19.50
C GLN A 3 -2.83 14.08 -18.73
N GLU A 4 -4.03 14.61 -18.54
CA GLU A 4 -4.20 15.87 -17.82
C GLU A 4 -4.69 15.62 -16.39
N GLN A 5 -3.75 15.63 -15.45
CA GLN A 5 -4.07 15.41 -14.05
C GLN A 5 -4.25 16.73 -13.31
N LYS A 6 -5.14 16.73 -12.33
CA LYS A 6 -5.41 17.93 -11.54
C LYS A 6 -5.82 17.56 -10.12
N GLY A 7 -4.84 17.48 -9.23
CA GLY A 7 -5.12 17.14 -7.84
C GLY A 7 -3.90 16.62 -7.12
N ASP A 8 -4.00 16.52 -5.80
CA ASP A 8 -2.89 16.03 -4.99
C ASP A 8 -2.56 14.58 -5.34
N ALA A 9 -1.29 14.34 -5.67
CA ALA A 9 -0.84 13.00 -6.04
C ALA A 9 -0.84 12.07 -4.82
N PRO A 10 -0.72 10.75 -5.05
CA PRO A 10 -0.72 9.76 -3.98
C PRO A 10 0.65 9.63 -3.34
N THR A 11 0.67 9.34 -2.04
CA THR A 11 1.94 9.24 -1.32
C THR A 11 1.97 8.07 -0.35
N CYS A 12 3.18 7.59 -0.10
CA CYS A 12 3.41 6.48 0.81
C CYS A 12 3.27 6.93 2.26
N GLY A 13 2.62 6.12 3.09
CA GLY A 13 2.42 6.47 4.49
C GLY A 13 3.60 6.10 5.37
N ILE A 14 4.75 5.84 4.77
CA ILE A 14 5.94 5.48 5.51
C ILE A 14 7.08 6.44 5.17
N CYS A 15 7.59 6.33 3.94
CA CYS A 15 8.68 7.19 3.49
C CYS A 15 8.16 8.47 2.85
N HIS A 16 6.85 8.54 2.61
CA HIS A 16 6.24 9.71 2.01
C HIS A 16 7.01 10.18 0.77
N LYS A 17 7.71 9.25 0.13
CA LYS A 17 8.48 9.56 -1.07
C LYS A 17 7.84 8.96 -2.30
N THR A 18 7.73 7.63 -2.31
CA THR A 18 7.13 6.91 -3.43
C THR A 18 5.66 7.30 -3.60
N LYS A 19 5.35 7.90 -4.74
CA LYS A 19 3.98 8.31 -5.05
C LYS A 19 3.29 7.24 -5.87
N PHE A 20 2.09 6.86 -5.44
CA PHE A 20 1.34 5.83 -6.15
C PHE A 20 0.97 6.30 -7.56
N ALA A 21 0.62 5.35 -8.42
CA ALA A 21 0.26 5.67 -9.79
C ALA A 21 -1.22 5.43 -10.05
N ASP A 22 -1.71 5.95 -11.16
CA ASP A 22 -3.12 5.80 -11.54
C ASP A 22 -4.03 6.55 -10.58
N GLY A 23 -4.02 6.15 -9.31
CA GLY A 23 -4.85 6.80 -8.32
C GLY A 23 -4.52 6.35 -6.90
N CYS A 24 -4.29 5.06 -6.72
CA CYS A 24 -3.97 4.52 -5.40
C CYS A 24 -2.92 3.42 -5.50
N GLY A 25 -2.00 3.41 -4.54
CA GLY A 25 -0.95 2.41 -4.53
C GLY A 25 -1.33 1.14 -3.79
N HIS A 26 -0.40 0.65 -2.96
CA HIS A 26 -0.63 -0.56 -2.19
C HIS A 26 -1.11 -0.22 -0.78
N ASN A 27 -2.20 -0.86 -0.36
CA ASN A 27 -2.76 -0.59 0.97
C ASN A 27 -2.74 -1.85 1.84
N CYS A 28 -2.32 -1.68 3.09
CA CYS A 28 -2.26 -2.79 4.03
C CYS A 28 -3.60 -3.49 4.13
N SER A 29 -3.60 -4.82 3.94
CA SER A 29 -4.82 -5.61 4.02
C SER A 29 -5.48 -5.47 5.39
N TYR A 30 -4.73 -5.00 6.37
CA TYR A 30 -5.27 -4.84 7.72
C TYR A 30 -5.40 -3.37 8.10
N CYS A 31 -4.25 -2.72 8.35
CA CYS A 31 -4.22 -1.31 8.74
C CYS A 31 -4.88 -0.43 7.67
N GLN A 32 -4.90 -0.92 6.44
CA GLN A 32 -5.48 -0.17 5.31
C GLN A 32 -4.64 1.05 4.96
N THR A 33 -3.47 1.19 5.58
CA THR A 33 -2.58 2.32 5.33
C THR A 33 -2.05 2.27 3.90
N LYS A 34 -1.85 3.44 3.31
CA LYS A 34 -1.33 3.53 1.95
C LYS A 34 0.20 3.51 1.94
N PHE A 35 0.77 2.42 1.45
CA PHE A 35 2.22 2.29 1.38
C PHE A 35 2.67 1.88 -0.02
N CYS A 36 3.96 2.06 -0.28
CA CYS A 36 4.54 1.75 -1.59
C CYS A 36 4.96 0.28 -1.65
N ALA A 37 5.35 -0.16 -2.84
CA ALA A 37 5.78 -1.54 -3.04
C ALA A 37 7.00 -1.89 -2.19
N ARG A 38 7.67 -0.88 -1.66
CA ARG A 38 8.86 -1.09 -0.84
C ARG A 38 8.51 -1.12 0.64
N CYS A 39 7.33 -0.63 1.01
CA CYS A 39 6.91 -0.61 2.40
C CYS A 39 5.81 -1.63 2.65
N GLY A 40 5.89 -2.74 1.95
CA GLY A 40 4.89 -3.79 2.10
C GLY A 40 5.10 -4.93 1.14
N GLY A 41 4.37 -6.03 1.33
CA GLY A 41 4.52 -7.18 0.45
C GLY A 41 3.18 -7.70 -0.06
N ARG A 42 3.21 -8.34 -1.22
CA ARG A 42 2.00 -8.90 -1.82
C ARG A 42 1.75 -10.32 -1.33
N VAL A 43 0.48 -10.66 -1.12
CA VAL A 43 0.11 -11.98 -0.65
C VAL A 43 -1.04 -12.56 -1.47
N SER A 44 -0.75 -13.58 -2.27
CA SER A 44 -1.76 -14.22 -3.10
C SER A 44 -2.40 -15.39 -2.37
N LEU A 45 -3.73 -15.42 -2.35
CA LEU A 45 -4.47 -16.48 -1.69
C LEU A 45 -4.82 -17.60 -2.66
N ARG A 46 -5.44 -18.66 -2.15
CA ARG A 46 -5.82 -19.80 -2.97
C ARG A 46 -6.63 -19.36 -4.19
N SER A 47 -7.86 -18.94 -3.96
CA SER A 47 -8.73 -18.49 -5.06
C SER A 47 -8.01 -17.50 -5.97
N ASN A 48 -8.01 -16.23 -5.58
CA ASN A 48 -7.35 -15.20 -6.37
C ASN A 48 -7.46 -13.83 -5.69
N LYS A 49 -7.43 -13.82 -4.36
CA LYS A 49 -7.52 -12.58 -3.60
C LYS A 49 -6.15 -11.95 -3.42
N VAL A 50 -5.93 -10.81 -4.07
CA VAL A 50 -4.65 -10.11 -3.98
C VAL A 50 -4.69 -9.04 -2.90
N MET A 51 -3.89 -9.23 -1.86
CA MET A 51 -3.82 -8.27 -0.76
C MET A 51 -2.38 -8.04 -0.34
N TRP A 52 -2.08 -6.79 -0.01
CA TRP A 52 -0.73 -6.40 0.39
C TRP A 52 -0.62 -6.30 1.91
N VAL A 53 0.59 -6.54 2.42
CA VAL A 53 0.86 -6.49 3.85
C VAL A 53 2.05 -5.58 4.13
N CYS A 54 1.83 -4.53 4.92
CA CYS A 54 2.91 -3.60 5.25
C CYS A 54 4.02 -4.32 6.01
N ASN A 55 5.21 -3.77 5.93
CA ASN A 55 6.38 -4.35 6.60
C ASN A 55 6.13 -4.57 8.09
N LEU A 56 5.14 -3.89 8.65
CA LEU A 56 4.82 -4.02 10.07
C LEU A 56 3.94 -5.24 10.31
N CYS A 57 3.08 -5.54 9.35
CA CYS A 57 2.19 -6.69 9.45
C CYS A 57 2.84 -7.93 8.88
N ARG A 58 3.64 -7.74 7.85
CA ARG A 58 4.35 -8.84 7.20
C ARG A 58 5.30 -9.51 8.18
N LYS A 59 6.00 -8.69 8.97
CA LYS A 59 6.94 -9.20 9.96
C LYS A 59 6.21 -9.65 11.22
N GLN A 60 5.46 -8.72 11.81
CA GLN A 60 4.70 -9.02 13.02
C GLN A 60 3.86 -10.28 12.86
N GLN A 61 3.51 -10.59 11.61
CA GLN A 61 2.71 -11.77 11.31
C GLN A 61 3.53 -12.82 10.57
N GLU A 62 4.86 -12.70 10.63
CA GLU A 62 5.74 -13.64 9.96
C GLU A 62 5.35 -13.81 8.49
ZN ZN B . 6.71 3.80 1.55
ZN ZN C . -0.71 -3.40 7.99
N GLN A 3 -1.54 27.00 -0.15
CA GLN A 3 -2.82 26.98 -0.92
C GLN A 3 -2.92 25.74 -1.79
N GLU A 4 -3.52 24.69 -1.25
CA GLU A 4 -3.67 23.44 -1.99
C GLU A 4 -5.11 23.23 -2.44
N GLN A 5 -5.38 23.52 -3.71
CA GLN A 5 -6.71 23.38 -4.27
C GLN A 5 -6.65 23.17 -5.78
N LYS A 6 -6.43 21.93 -6.20
CA LYS A 6 -6.35 21.61 -7.62
C LYS A 6 -6.17 20.11 -7.83
N GLY A 7 -5.34 19.49 -7.01
CA GLY A 7 -5.09 18.06 -7.13
C GLY A 7 -4.18 17.53 -6.04
N ASP A 8 -4.43 16.30 -5.61
CA ASP A 8 -3.62 15.67 -4.57
C ASP A 8 -3.01 14.36 -5.07
N ALA A 9 -1.70 14.34 -5.21
CA ALA A 9 -0.99 13.15 -5.68
C ALA A 9 -0.98 12.06 -4.60
N PRO A 10 -0.76 10.80 -5.01
CA PRO A 10 -0.72 9.66 -4.10
C PRO A 10 0.64 9.52 -3.45
N THR A 11 0.67 9.30 -2.14
CA THR A 11 1.94 9.18 -1.43
C THR A 11 1.95 8.03 -0.43
N CYS A 12 3.14 7.52 -0.16
CA CYS A 12 3.35 6.44 0.79
C CYS A 12 3.20 6.94 2.21
N GLY A 13 2.51 6.15 3.05
CA GLY A 13 2.29 6.54 4.44
C GLY A 13 3.44 6.15 5.36
N ILE A 14 4.61 5.92 4.79
CA ILE A 14 5.79 5.54 5.56
C ILE A 14 6.95 6.47 5.24
N CYS A 15 7.49 6.33 4.03
CA CYS A 15 8.60 7.18 3.59
C CYS A 15 8.10 8.47 2.94
N HIS A 16 6.81 8.51 2.63
CA HIS A 16 6.21 9.70 2.03
C HIS A 16 7.00 10.17 0.81
N LYS A 17 7.59 9.21 0.09
CA LYS A 17 8.37 9.53 -1.10
C LYS A 17 7.74 8.91 -2.34
N THR A 18 7.66 7.58 -2.36
CA THR A 18 7.09 6.85 -3.48
C THR A 18 5.61 7.22 -3.68
N LYS A 19 5.30 7.76 -4.86
CA LYS A 19 3.93 8.14 -5.19
C LYS A 19 3.24 7.02 -5.95
N PHE A 20 2.06 6.64 -5.48
CA PHE A 20 1.30 5.57 -6.11
C PHE A 20 0.94 5.93 -7.55
N ALA A 21 0.16 5.06 -8.18
CA ALA A 21 -0.26 5.27 -9.57
C ALA A 21 -1.30 6.38 -9.66
N ASP A 22 -2.05 6.40 -10.76
CA ASP A 22 -3.08 7.41 -10.97
C ASP A 22 -3.95 7.58 -9.73
N GLY A 23 -4.13 6.48 -8.99
CA GLY A 23 -4.93 6.51 -7.79
C GLY A 23 -4.15 6.11 -6.55
N CYS A 24 -4.59 5.03 -5.90
CA CYS A 24 -3.91 4.54 -4.70
C CYS A 24 -2.95 3.41 -5.05
N GLY A 25 -1.90 3.28 -4.25
CA GLY A 25 -0.92 2.23 -4.49
C GLY A 25 -1.23 0.96 -3.73
N HIS A 26 -0.29 0.53 -2.90
CA HIS A 26 -0.46 -0.68 -2.10
C HIS A 26 -0.94 -0.33 -0.71
N ASN A 27 -2.11 -0.86 -0.34
CA ASN A 27 -2.69 -0.57 0.97
C ASN A 27 -2.69 -1.82 1.85
N CYS A 28 -2.29 -1.65 3.12
CA CYS A 28 -2.25 -2.75 4.06
C CYS A 28 -3.61 -3.42 4.18
N SER A 29 -3.65 -4.72 3.94
CA SER A 29 -4.88 -5.49 4.02
C SER A 29 -5.49 -5.38 5.42
N TYR A 30 -4.69 -4.98 6.40
CA TYR A 30 -5.17 -4.86 7.76
C TYR A 30 -5.32 -3.38 8.18
N CYS A 31 -4.18 -2.72 8.41
CA CYS A 31 -4.18 -1.32 8.82
C CYS A 31 -4.87 -0.43 7.77
N GLN A 32 -4.88 -0.89 6.53
CA GLN A 32 -5.49 -0.13 5.43
C GLN A 32 -4.61 1.06 5.04
N THR A 33 -3.44 1.19 5.67
CA THR A 33 -2.54 2.29 5.37
C THR A 33 -2.00 2.19 3.96
N LYS A 34 -1.81 3.35 3.32
CA LYS A 34 -1.29 3.39 1.96
C LYS A 34 0.23 3.38 1.97
N PHE A 35 0.81 2.29 1.49
CA PHE A 35 2.27 2.17 1.44
C PHE A 35 2.76 1.83 0.04
N CYS A 36 4.05 2.05 -0.19
CA CYS A 36 4.67 1.79 -1.48
C CYS A 36 5.14 0.34 -1.57
N ALA A 37 5.56 -0.06 -2.77
CA ALA A 37 6.03 -1.42 -2.99
C ALA A 37 7.22 -1.77 -2.11
N ARG A 38 7.86 -0.74 -1.54
CA ARG A 38 9.03 -0.95 -0.68
C ARG A 38 8.62 -0.99 0.79
N CYS A 39 7.43 -0.51 1.10
CA CYS A 39 6.95 -0.51 2.49
C CYS A 39 5.84 -1.53 2.68
N GLY A 40 5.88 -2.59 1.88
CA GLY A 40 4.87 -3.64 1.96
C GLY A 40 5.11 -4.76 0.97
N GLY A 41 4.40 -5.87 1.14
CA GLY A 41 4.56 -6.99 0.25
C GLY A 41 3.24 -7.58 -0.21
N ARG A 42 3.30 -8.48 -1.18
CA ARG A 42 2.10 -9.12 -1.71
C ARG A 42 1.75 -10.37 -0.89
N VAL A 43 0.47 -10.48 -0.54
CA VAL A 43 0.01 -11.62 0.24
C VAL A 43 -1.30 -12.18 -0.33
N SER A 44 -1.23 -13.37 -0.90
CA SER A 44 -2.41 -14.00 -1.48
C SER A 44 -3.10 -14.92 -0.47
N LEU A 45 -4.42 -14.88 -0.45
CA LEU A 45 -5.19 -15.70 0.46
C LEU A 45 -5.60 -17.01 -0.20
N ARG A 46 -4.64 -17.67 -0.84
CA ARG A 46 -4.90 -18.93 -1.53
C ARG A 46 -5.76 -18.69 -2.77
N SER A 47 -6.98 -18.21 -2.56
CA SER A 47 -7.89 -17.92 -3.66
C SER A 47 -7.31 -16.83 -4.56
N ASN A 48 -8.17 -16.15 -5.31
CA ASN A 48 -7.75 -15.08 -6.20
C ASN A 48 -7.81 -13.73 -5.51
N LYS A 49 -7.78 -13.73 -4.18
CA LYS A 49 -7.83 -12.49 -3.41
C LYS A 49 -6.44 -11.89 -3.23
N VAL A 50 -6.18 -10.79 -3.95
CA VAL A 50 -4.89 -10.12 -3.86
C VAL A 50 -4.92 -8.99 -2.85
N MET A 51 -4.12 -9.11 -1.80
CA MET A 51 -4.04 -8.09 -0.76
C MET A 51 -2.60 -7.85 -0.35
N TRP A 52 -2.28 -6.57 -0.10
CA TRP A 52 -0.93 -6.19 0.30
C TRP A 52 -0.84 -5.98 1.80
N VAL A 53 0.29 -6.38 2.38
CA VAL A 53 0.52 -6.25 3.81
C VAL A 53 1.81 -5.48 4.09
N CYS A 54 1.70 -4.42 4.89
CA CYS A 54 2.86 -3.59 5.23
C CYS A 54 3.94 -4.40 5.92
N ASN A 55 5.18 -3.92 5.81
CA ASN A 55 6.34 -4.58 6.42
C ASN A 55 6.14 -4.80 7.92
N LEU A 56 5.21 -4.06 8.52
CA LEU A 56 4.95 -4.19 9.95
C LEU A 56 4.03 -5.36 10.21
N CYS A 57 3.12 -5.62 9.27
CA CYS A 57 2.18 -6.72 9.39
C CYS A 57 2.77 -7.99 8.78
N ARG A 58 3.53 -7.81 7.71
CA ARG A 58 4.17 -8.93 7.01
C ARG A 58 5.17 -9.63 7.93
N LYS A 59 5.86 -8.85 8.76
CA LYS A 59 6.85 -9.40 9.67
C LYS A 59 6.22 -9.76 11.01
N GLN A 60 5.22 -8.99 11.42
CA GLN A 60 4.52 -9.23 12.68
C GLN A 60 3.60 -10.45 12.56
N GLN A 61 3.16 -10.74 11.34
CA GLN A 61 2.29 -11.87 11.10
C GLN A 61 3.07 -13.17 10.91
N GLU A 62 4.39 -13.06 10.80
CA GLU A 62 5.24 -14.23 10.61
C GLU A 62 6.72 -13.84 10.65
ZN ZN B . 6.65 3.84 1.70
ZN ZN C . -0.65 -3.41 7.99
N GLN A 3 -0.02 18.48 -18.55
CA GLN A 3 0.66 19.01 -17.33
C GLN A 3 -0.30 19.05 -16.16
N GLU A 4 -0.14 18.10 -15.24
CA GLU A 4 -0.99 18.02 -14.05
C GLU A 4 -0.46 18.93 -12.94
N GLN A 5 -0.73 20.22 -13.06
CA GLN A 5 -0.29 21.19 -12.07
C GLN A 5 -1.13 21.10 -10.81
N LYS A 6 -2.43 20.84 -10.99
CA LYS A 6 -3.35 20.72 -9.87
C LYS A 6 -3.75 19.28 -9.65
N GLY A 7 -4.06 18.93 -8.41
CA GLY A 7 -4.45 17.57 -8.08
C GLY A 7 -3.58 16.96 -7.02
N ASP A 8 -4.21 16.27 -6.06
CA ASP A 8 -3.47 15.64 -4.97
C ASP A 8 -2.88 14.31 -5.42
N ALA A 9 -1.56 14.25 -5.50
CA ALA A 9 -0.86 13.04 -5.91
C ALA A 9 -0.89 12.00 -4.79
N PRO A 10 -0.63 10.72 -5.14
CA PRO A 10 -0.61 9.63 -4.18
C PRO A 10 0.74 9.52 -3.47
N THR A 11 0.71 9.34 -2.17
CA THR A 11 1.94 9.27 -1.40
C THR A 11 1.96 8.10 -0.42
N CYS A 12 3.17 7.59 -0.18
CA CYS A 12 3.38 6.48 0.74
C CYS A 12 3.20 6.95 2.19
N GLY A 13 2.51 6.13 2.99
CA GLY A 13 2.26 6.49 4.38
C GLY A 13 3.42 6.14 5.30
N ILE A 14 4.58 5.81 4.72
CA ILE A 14 5.76 5.46 5.49
C ILE A 14 6.90 6.42 5.19
N CYS A 15 7.45 6.32 3.99
CA CYS A 15 8.55 7.18 3.58
C CYS A 15 8.04 8.49 2.95
N HIS A 16 6.73 8.56 2.68
CA HIS A 16 6.13 9.75 2.10
C HIS A 16 6.92 10.24 0.88
N LYS A 17 7.63 9.32 0.24
CA LYS A 17 8.43 9.66 -0.93
C LYS A 17 7.86 9.00 -2.18
N THR A 18 7.76 7.67 -2.15
CA THR A 18 7.23 6.91 -3.27
C THR A 18 5.77 7.26 -3.53
N LYS A 19 5.51 7.91 -4.66
CA LYS A 19 4.16 8.30 -5.03
C LYS A 19 3.54 7.23 -5.92
N PHE A 20 2.36 6.76 -5.54
CA PHE A 20 1.67 5.73 -6.31
C PHE A 20 1.39 6.19 -7.73
N ALA A 21 0.98 5.27 -8.59
CA ALA A 21 0.68 5.59 -9.98
C ALA A 21 -0.22 6.80 -10.09
N ASP A 22 -1.49 6.62 -9.74
CA ASP A 22 -2.46 7.70 -9.80
C ASP A 22 -3.82 7.24 -9.29
N GLY A 23 -3.97 7.21 -7.97
CA GLY A 23 -5.23 6.77 -7.38
C GLY A 23 -5.05 6.15 -6.02
N CYS A 24 -4.73 4.85 -6.01
CA CYS A 24 -4.54 4.12 -4.75
C CYS A 24 -3.45 3.06 -4.90
N GLY A 25 -2.29 3.34 -4.31
CA GLY A 25 -1.18 2.40 -4.39
C GLY A 25 -1.47 1.11 -3.66
N HIS A 26 -0.50 0.64 -2.88
CA HIS A 26 -0.65 -0.59 -2.11
C HIS A 26 -1.09 -0.29 -0.69
N ASN A 27 -2.27 -0.77 -0.32
CA ASN A 27 -2.82 -0.53 1.01
C ASN A 27 -2.75 -1.79 1.86
N CYS A 28 -2.32 -1.62 3.11
CA CYS A 28 -2.20 -2.73 4.05
C CYS A 28 -3.54 -3.45 4.20
N SER A 29 -3.54 -4.75 3.97
CA SER A 29 -4.75 -5.56 4.08
C SER A 29 -5.34 -5.47 5.49
N TYR A 30 -4.54 -5.02 6.45
CA TYR A 30 -4.99 -4.89 7.82
C TYR A 30 -5.19 -3.42 8.21
N CYS A 31 -4.09 -2.72 8.44
CA CYS A 31 -4.14 -1.31 8.82
C CYS A 31 -4.84 -0.46 7.77
N GLN A 32 -4.85 -0.94 6.53
CA GLN A 32 -5.47 -0.22 5.43
C GLN A 32 -4.64 1.00 5.02
N THR A 33 -3.46 1.17 5.64
CA THR A 33 -2.58 2.28 5.32
C THR A 33 -2.05 2.18 3.90
N LYS A 34 -1.94 3.32 3.23
CA LYS A 34 -1.45 3.34 1.86
C LYS A 34 0.08 3.37 1.83
N PHE A 35 0.69 2.26 1.43
CA PHE A 35 2.14 2.15 1.37
C PHE A 35 2.60 1.77 -0.03
N CYS A 36 3.90 1.98 -0.28
CA CYS A 36 4.49 1.67 -1.58
C CYS A 36 4.93 0.21 -1.63
N ALA A 37 5.29 -0.25 -2.82
CA ALA A 37 5.73 -1.63 -3.01
C ALA A 37 6.96 -1.95 -2.16
N ARG A 38 7.64 -0.92 -1.66
CA ARG A 38 8.84 -1.12 -0.84
C ARG A 38 8.50 -1.11 0.65
N CYS A 39 7.33 -0.61 1.00
CA CYS A 39 6.92 -0.56 2.41
C CYS A 39 5.82 -1.58 2.68
N GLY A 40 5.88 -2.69 1.95
CA GLY A 40 4.90 -3.75 2.12
C GLY A 40 5.15 -4.92 1.19
N GLY A 41 4.48 -6.04 1.45
CA GLY A 41 4.66 -7.21 0.61
C GLY A 41 3.40 -7.59 -0.15
N ARG A 42 3.59 -8.26 -1.28
CA ARG A 42 2.46 -8.69 -2.10
C ARG A 42 1.97 -10.07 -1.67
N VAL A 43 0.65 -10.20 -1.53
CA VAL A 43 0.06 -11.47 -1.12
C VAL A 43 -1.11 -11.84 -2.04
N SER A 44 -0.78 -12.22 -3.27
CA SER A 44 -1.80 -12.61 -4.24
C SER A 44 -2.02 -14.12 -4.23
N LEU A 45 -3.26 -14.52 -3.98
CA LEU A 45 -3.61 -15.93 -3.96
C LEU A 45 -4.12 -16.39 -5.32
N ARG A 46 -4.24 -17.70 -5.50
CA ARG A 46 -4.72 -18.26 -6.75
C ARG A 46 -6.23 -18.47 -6.73
N SER A 47 -6.94 -17.52 -6.15
CA SER A 47 -8.40 -17.60 -6.05
C SER A 47 -9.02 -16.21 -6.20
N ASN A 48 -8.33 -15.33 -6.93
CA ASN A 48 -8.81 -13.97 -7.16
C ASN A 48 -8.83 -13.18 -5.85
N LYS A 49 -7.66 -12.97 -5.27
CA LYS A 49 -7.54 -12.23 -4.02
C LYS A 49 -6.18 -11.57 -3.90
N VAL A 50 -6.10 -10.31 -4.33
CA VAL A 50 -4.86 -9.56 -4.25
C VAL A 50 -4.85 -8.64 -3.04
N MET A 51 -3.92 -8.87 -2.12
CA MET A 51 -3.82 -8.06 -0.92
C MET A 51 -2.37 -7.73 -0.58
N TRP A 52 -2.16 -6.52 -0.08
CA TRP A 52 -0.82 -6.06 0.29
C TRP A 52 -0.73 -5.84 1.79
N VAL A 53 0.37 -6.32 2.39
CA VAL A 53 0.58 -6.17 3.83
C VAL A 53 1.85 -5.38 4.10
N CYS A 54 1.74 -4.37 4.98
CA CYS A 54 2.89 -3.53 5.31
C CYS A 54 3.99 -4.33 6.01
N ASN A 55 5.21 -3.83 5.90
CA ASN A 55 6.38 -4.47 6.50
C ASN A 55 6.17 -4.77 7.98
N LEU A 56 5.24 -4.07 8.62
CA LEU A 56 4.97 -4.26 10.04
C LEU A 56 4.03 -5.44 10.25
N CYS A 57 3.11 -5.62 9.30
CA CYS A 57 2.15 -6.71 9.38
C CYS A 57 2.71 -7.96 8.71
N ARG A 58 3.46 -7.77 7.63
CA ARG A 58 4.06 -8.88 6.90
C ARG A 58 5.04 -9.63 7.78
N LYS A 59 5.83 -8.90 8.56
CA LYS A 59 6.81 -9.51 9.45
C LYS A 59 6.13 -10.32 10.54
N GLN A 60 5.13 -9.72 11.19
CA GLN A 60 4.41 -10.39 12.25
C GLN A 60 3.43 -11.42 11.67
N GLN A 61 3.06 -11.25 10.41
CA GLN A 61 2.13 -12.17 9.76
C GLN A 61 2.83 -13.45 9.34
N GLU A 62 4.16 -13.41 9.26
CA GLU A 62 4.94 -14.57 8.87
C GLU A 62 5.57 -15.24 10.09
ZN ZN B . 6.66 3.79 1.49
ZN ZN C . -0.62 -3.32 8.02
N GLN A 3 -13.64 18.96 0.86
CA GLN A 3 -13.43 17.54 0.45
C GLN A 3 -13.70 17.35 -1.03
N GLU A 4 -12.76 17.79 -1.86
CA GLU A 4 -12.90 17.67 -3.31
C GLU A 4 -12.22 16.40 -3.83
N GLN A 5 -11.37 15.80 -3.01
CA GLN A 5 -10.65 14.58 -3.38
C GLN A 5 -9.55 14.89 -4.39
N LYS A 6 -9.94 15.39 -5.56
CA LYS A 6 -8.98 15.73 -6.60
C LYS A 6 -8.11 16.89 -6.16
N GLY A 7 -6.82 16.62 -5.96
CA GLY A 7 -5.90 17.66 -5.53
C GLY A 7 -4.73 17.10 -4.75
N ASP A 8 -4.95 15.99 -4.06
CA ASP A 8 -3.91 15.35 -3.27
C ASP A 8 -3.41 14.08 -3.95
N ALA A 9 -2.14 14.09 -4.32
CA ALA A 9 -1.53 12.95 -4.99
C ALA A 9 -1.40 11.77 -4.04
N PRO A 10 -1.07 10.57 -4.58
CA PRO A 10 -0.91 9.36 -3.78
C PRO A 10 0.47 9.30 -3.15
N THR A 11 0.52 9.04 -1.85
CA THR A 11 1.79 9.00 -1.14
C THR A 11 1.89 7.84 -0.16
N CYS A 12 3.09 7.33 -0.01
CA CYS A 12 3.38 6.22 0.90
C CYS A 12 3.25 6.67 2.35
N GLY A 13 2.65 5.81 3.18
CA GLY A 13 2.46 6.14 4.58
C GLY A 13 3.65 5.76 5.46
N ILE A 14 4.81 5.59 4.82
CA ILE A 14 6.02 5.22 5.53
C ILE A 14 7.14 6.21 5.19
N CYS A 15 7.61 6.15 3.94
CA CYS A 15 8.67 7.04 3.50
C CYS A 15 8.11 8.34 2.92
N HIS A 16 6.78 8.39 2.69
CA HIS A 16 6.13 9.57 2.16
C HIS A 16 6.87 10.12 0.94
N LYS A 17 7.55 9.23 0.21
CA LYS A 17 8.29 9.64 -0.98
C LYS A 17 7.66 9.04 -2.24
N THR A 18 7.64 7.72 -2.32
CA THR A 18 7.08 7.04 -3.47
C THR A 18 5.59 7.33 -3.60
N LYS A 19 5.22 8.01 -4.68
CA LYS A 19 3.82 8.35 -4.93
C LYS A 19 3.17 7.30 -5.82
N PHE A 20 2.07 6.74 -5.35
CA PHE A 20 1.35 5.71 -6.09
C PHE A 20 0.89 6.25 -7.43
N ALA A 21 0.34 5.37 -8.26
CA ALA A 21 -0.15 5.74 -9.58
C ALA A 21 -1.50 5.09 -9.87
N ASP A 22 -2.14 5.52 -10.96
CA ASP A 22 -3.42 4.97 -11.35
C ASP A 22 -4.47 5.19 -10.27
N GLY A 23 -4.22 6.16 -9.39
CA GLY A 23 -5.17 6.45 -8.33
C GLY A 23 -4.61 6.15 -6.95
N CYS A 24 -4.29 4.89 -6.70
CA CYS A 24 -3.74 4.47 -5.41
C CYS A 24 -2.70 3.37 -5.58
N GLY A 25 -1.85 3.21 -4.58
CA GLY A 25 -0.81 2.19 -4.63
C GLY A 25 -1.18 0.93 -3.87
N HIS A 26 -0.30 0.50 -2.98
CA HIS A 26 -0.53 -0.70 -2.19
C HIS A 26 -1.02 -0.34 -0.80
N ASN A 27 -2.24 -0.77 -0.50
CA ASN A 27 -2.85 -0.50 0.80
C ASN A 27 -2.83 -1.75 1.68
N CYS A 28 -2.38 -1.57 2.92
CA CYS A 28 -2.30 -2.67 3.87
C CYS A 28 -3.63 -3.38 4.04
N SER A 29 -3.63 -4.69 3.84
CA SER A 29 -4.84 -5.49 3.97
C SER A 29 -5.39 -5.44 5.40
N TYR A 30 -4.58 -4.95 6.35
CA TYR A 30 -5.01 -4.89 7.74
C TYR A 30 -5.38 -3.47 8.16
N CYS A 31 -4.38 -2.65 8.50
CA CYS A 31 -4.64 -1.28 8.94
C CYS A 31 -5.03 -0.36 7.79
N GLN A 32 -5.07 -0.89 6.57
CA GLN A 32 -5.45 -0.10 5.40
C GLN A 32 -4.46 1.02 5.10
N THR A 33 -3.28 0.95 5.72
CA THR A 33 -2.26 1.95 5.50
C THR A 33 -1.79 1.94 4.04
N LYS A 34 -1.75 3.11 3.43
CA LYS A 34 -1.31 3.23 2.04
C LYS A 34 0.20 3.27 1.96
N PHE A 35 0.79 2.20 1.44
CA PHE A 35 2.25 2.11 1.34
C PHE A 35 2.68 1.76 -0.08
N CYS A 36 3.96 1.97 -0.36
CA CYS A 36 4.53 1.70 -1.67
C CYS A 36 4.98 0.25 -1.77
N ALA A 37 5.36 -0.17 -2.97
CA ALA A 37 5.79 -1.55 -3.21
C ALA A 37 6.98 -1.95 -2.35
N ARG A 38 7.77 -0.98 -1.89
CA ARG A 38 8.94 -1.28 -1.07
C ARG A 38 8.64 -1.18 0.43
N CYS A 39 7.49 -0.62 0.78
CA CYS A 39 7.12 -0.49 2.19
C CYS A 39 5.99 -1.45 2.56
N GLY A 40 5.98 -2.61 1.92
CA GLY A 40 4.95 -3.60 2.20
C GLY A 40 5.30 -4.96 1.63
N GLY A 41 4.27 -5.76 1.34
CA GLY A 41 4.50 -7.08 0.79
C GLY A 41 3.37 -7.56 -0.10
N ARG A 42 3.70 -8.40 -1.07
CA ARG A 42 2.71 -8.94 -1.99
C ARG A 42 2.09 -10.23 -1.45
N VAL A 43 0.77 -10.30 -1.45
CA VAL A 43 0.07 -11.49 -0.96
C VAL A 43 -1.07 -11.89 -1.89
N SER A 44 -0.82 -12.86 -2.75
CA SER A 44 -1.84 -13.33 -3.69
C SER A 44 -2.59 -14.54 -3.12
N LEU A 45 -3.91 -14.46 -3.15
CA LEU A 45 -4.76 -15.53 -2.63
C LEU A 45 -5.17 -16.49 -3.76
N ARG A 46 -5.97 -17.50 -3.40
CA ARG A 46 -6.43 -18.48 -4.37
C ARG A 46 -7.69 -17.99 -5.11
N SER A 47 -8.36 -17.00 -4.53
CA SER A 47 -9.57 -16.45 -5.14
C SER A 47 -9.25 -15.27 -6.05
N ASN A 48 -8.03 -15.23 -6.57
CA ASN A 48 -7.60 -14.16 -7.45
C ASN A 48 -7.66 -12.80 -6.74
N LYS A 49 -7.75 -12.82 -5.42
CA LYS A 49 -7.81 -11.59 -4.64
C LYS A 49 -6.41 -11.09 -4.30
N VAL A 50 -6.06 -9.91 -4.80
CA VAL A 50 -4.76 -9.33 -4.55
C VAL A 50 -4.78 -8.39 -3.35
N MET A 51 -3.94 -8.67 -2.36
CA MET A 51 -3.86 -7.85 -1.16
C MET A 51 -2.41 -7.63 -0.76
N TRP A 52 -2.14 -6.49 -0.13
CA TRP A 52 -0.79 -6.15 0.30
C TRP A 52 -0.74 -5.86 1.80
N VAL A 53 0.38 -6.22 2.42
CA VAL A 53 0.55 -6.01 3.86
C VAL A 53 1.83 -5.22 4.13
N CYS A 54 1.71 -4.13 4.87
CA CYS A 54 2.85 -3.28 5.20
C CYS A 54 3.91 -4.06 5.99
N ASN A 55 5.14 -3.61 5.87
CA ASN A 55 6.28 -4.23 6.56
C ASN A 55 6.05 -4.36 8.07
N LEU A 56 5.09 -3.58 8.59
CA LEU A 56 4.80 -3.61 10.02
C LEU A 56 3.90 -4.79 10.36
N CYS A 57 2.96 -5.08 9.46
CA CYS A 57 2.05 -6.20 9.65
C CYS A 57 2.63 -7.47 9.07
N ARG A 58 3.37 -7.33 7.96
CA ARG A 58 4.00 -8.47 7.31
C ARG A 58 5.00 -9.14 8.25
N LYS A 59 5.68 -8.33 9.05
CA LYS A 59 6.68 -8.83 9.99
C LYS A 59 6.02 -9.20 11.32
N GLN A 60 5.08 -8.37 11.77
CA GLN A 60 4.39 -8.61 13.03
C GLN A 60 3.43 -9.80 12.89
N GLN A 61 2.87 -9.97 11.70
CA GLN A 61 1.94 -11.06 11.44
C GLN A 61 2.57 -12.10 10.50
N GLU A 62 3.89 -12.17 10.52
CA GLU A 62 4.62 -13.11 9.67
C GLU A 62 4.01 -14.51 9.75
ZN ZN B . 6.76 3.65 1.58
ZN ZN C . -0.74 -3.11 7.84
N GLN A 3 -13.10 19.63 -15.59
CA GLN A 3 -12.22 18.44 -15.67
C GLN A 3 -11.85 17.94 -14.28
N GLU A 4 -12.56 16.92 -13.82
CA GLU A 4 -12.32 16.35 -12.50
C GLU A 4 -12.55 17.38 -11.40
N GLN A 5 -12.51 16.93 -10.16
CA GLN A 5 -12.71 17.81 -9.02
C GLN A 5 -11.75 17.46 -7.88
N LYS A 6 -10.52 17.14 -8.23
CA LYS A 6 -9.51 16.78 -7.24
C LYS A 6 -8.12 16.76 -7.87
N GLY A 7 -7.11 17.01 -7.04
CA GLY A 7 -5.74 17.02 -7.53
C GLY A 7 -4.75 16.52 -6.50
N ASP A 8 -5.13 15.47 -5.78
CA ASP A 8 -4.27 14.91 -4.75
C ASP A 8 -3.46 13.73 -5.29
N ALA A 9 -2.14 13.90 -5.34
CA ALA A 9 -1.25 12.86 -5.83
C ALA A 9 -1.19 11.68 -4.87
N PRO A 10 -0.72 10.53 -5.35
CA PRO A 10 -0.59 9.32 -4.54
C PRO A 10 0.71 9.31 -3.75
N THR A 11 0.62 9.08 -2.44
CA THR A 11 1.82 9.09 -1.60
C THR A 11 1.85 7.94 -0.61
N CYS A 12 3.07 7.55 -0.25
CA CYS A 12 3.31 6.48 0.70
C CYS A 12 3.08 6.98 2.13
N GLY A 13 2.39 6.18 2.94
CA GLY A 13 2.11 6.58 4.31
C GLY A 13 3.25 6.29 5.27
N ILE A 14 4.41 5.93 4.72
CA ILE A 14 5.58 5.63 5.52
C ILE A 14 6.70 6.63 5.24
N CYS A 15 7.29 6.52 4.05
CA CYS A 15 8.36 7.42 3.67
C CYS A 15 7.84 8.70 3.00
N HIS A 16 6.57 8.67 2.60
CA HIS A 16 5.94 9.83 1.96
C HIS A 16 6.76 10.31 0.76
N LYS A 17 7.57 9.42 0.22
CA LYS A 17 8.40 9.75 -0.93
C LYS A 17 7.86 9.08 -2.19
N THR A 18 7.80 7.75 -2.16
CA THR A 18 7.29 6.99 -3.29
C THR A 18 5.82 7.32 -3.55
N LYS A 19 5.56 7.96 -4.70
CA LYS A 19 4.20 8.31 -5.06
C LYS A 19 3.60 7.26 -5.99
N PHE A 20 2.49 6.68 -5.57
CA PHE A 20 1.83 5.64 -6.37
C PHE A 20 1.47 6.16 -7.75
N ALA A 21 0.71 5.37 -8.49
CA ALA A 21 0.29 5.74 -9.84
C ALA A 21 -1.23 5.65 -9.98
N ASP A 22 -1.83 6.73 -10.46
CA ASP A 22 -3.28 6.78 -10.64
C ASP A 22 -4.01 6.68 -9.29
N GLY A 23 -3.31 7.02 -8.22
CA GLY A 23 -3.91 6.96 -6.90
C GLY A 23 -4.39 5.58 -6.52
N CYS A 24 -3.50 4.59 -6.65
CA CYS A 24 -3.86 3.21 -6.32
C CYS A 24 -2.66 2.45 -5.75
N GLY A 25 -1.98 3.05 -4.78
CA GLY A 25 -0.83 2.40 -4.17
C GLY A 25 -1.19 1.09 -3.51
N HIS A 26 -0.28 0.60 -2.67
CA HIS A 26 -0.49 -0.65 -1.95
C HIS A 26 -1.00 -0.35 -0.55
N ASN A 27 -2.22 -0.81 -0.25
CA ASN A 27 -2.81 -0.55 1.05
C ASN A 27 -2.78 -1.80 1.93
N CYS A 28 -2.31 -1.63 3.16
CA CYS A 28 -2.22 -2.75 4.10
C CYS A 28 -3.57 -3.43 4.27
N SER A 29 -3.61 -4.73 4.01
CA SER A 29 -4.85 -5.49 4.13
C SER A 29 -5.40 -5.42 5.55
N TYR A 30 -4.57 -5.01 6.50
CA TYR A 30 -5.00 -4.90 7.89
C TYR A 30 -5.16 -3.44 8.31
N CYS A 31 -4.04 -2.76 8.51
CA CYS A 31 -4.05 -1.36 8.92
C CYS A 31 -4.76 -0.48 7.90
N GLN A 32 -4.79 -0.94 6.65
CA GLN A 32 -5.41 -0.18 5.56
C GLN A 32 -4.54 1.00 5.14
N THR A 33 -3.37 1.15 5.76
CA THR A 33 -2.46 2.23 5.44
C THR A 33 -1.92 2.10 4.02
N LYS A 34 -1.79 3.23 3.35
CA LYS A 34 -1.27 3.24 1.99
C LYS A 34 0.26 3.27 1.99
N PHE A 35 0.86 2.24 1.44
CA PHE A 35 2.31 2.13 1.38
C PHE A 35 2.80 1.78 -0.02
N CYS A 36 4.09 1.99 -0.26
CA CYS A 36 4.69 1.70 -1.56
C CYS A 36 5.15 0.24 -1.62
N ALA A 37 5.56 -0.18 -2.80
CA ALA A 37 6.02 -1.56 -2.99
C ALA A 37 7.21 -1.87 -2.09
N ARG A 38 7.86 -0.83 -1.55
CA ARG A 38 9.00 -1.01 -0.68
C ARG A 38 8.61 -1.02 0.80
N CYS A 39 7.43 -0.49 1.10
CA CYS A 39 6.96 -0.45 2.49
C CYS A 39 5.87 -1.50 2.72
N GLY A 40 5.87 -2.54 1.89
CA GLY A 40 4.88 -3.59 2.04
C GLY A 40 5.07 -4.71 1.02
N GLY A 41 4.18 -5.70 1.08
CA GLY A 41 4.27 -6.82 0.15
C GLY A 41 2.91 -7.35 -0.25
N ARG A 42 2.88 -8.14 -1.33
CA ARG A 42 1.64 -8.71 -1.82
C ARG A 42 1.36 -10.06 -1.16
N VAL A 43 0.09 -10.31 -0.84
CA VAL A 43 -0.32 -11.56 -0.22
C VAL A 43 -1.59 -12.11 -0.85
N SER A 44 -1.45 -13.19 -1.61
CA SER A 44 -2.58 -13.82 -2.28
C SER A 44 -3.20 -14.90 -1.40
N LEU A 45 -4.52 -14.91 -1.31
CA LEU A 45 -5.23 -15.90 -0.50
C LEU A 45 -5.65 -17.10 -1.36
N ARG A 46 -5.78 -16.87 -2.66
CA ARG A 46 -6.17 -17.93 -3.59
C ARG A 46 -5.65 -17.67 -4.99
N SER A 47 -5.90 -16.48 -5.51
CA SER A 47 -5.44 -16.11 -6.85
C SER A 47 -5.93 -14.72 -7.23
N ASN A 48 -7.24 -14.60 -7.47
CA ASN A 48 -7.84 -13.32 -7.86
C ASN A 48 -7.89 -12.36 -6.68
N LYS A 49 -7.86 -12.90 -5.46
CA LYS A 49 -7.91 -12.08 -4.27
C LYS A 49 -6.52 -11.57 -3.90
N VAL A 50 -6.17 -10.40 -4.41
CA VAL A 50 -4.86 -9.81 -4.14
C VAL A 50 -4.93 -8.74 -3.05
N MET A 51 -4.17 -8.96 -1.99
CA MET A 51 -4.12 -8.03 -0.87
C MET A 51 -2.68 -7.80 -0.43
N TRP A 52 -2.35 -6.57 -0.12
CA TRP A 52 -1.01 -6.21 0.29
C TRP A 52 -0.91 -6.09 1.81
N VAL A 53 0.28 -6.34 2.34
CA VAL A 53 0.51 -6.26 3.78
C VAL A 53 1.81 -5.52 4.07
N CYS A 54 1.72 -4.45 4.88
CA CYS A 54 2.90 -3.65 5.22
C CYS A 54 3.96 -4.50 5.90
N ASN A 55 5.21 -4.04 5.80
CA ASN A 55 6.35 -4.73 6.39
C ASN A 55 6.17 -4.95 7.89
N LEU A 56 5.25 -4.22 8.51
CA LEU A 56 5.01 -4.35 9.94
C LEU A 56 4.08 -5.52 10.21
N CYS A 57 3.16 -5.77 9.28
CA CYS A 57 2.21 -6.86 9.41
C CYS A 57 2.79 -8.13 8.79
N ARG A 58 3.45 -7.97 7.65
CA ARG A 58 4.05 -9.10 6.94
C ARG A 58 5.15 -9.73 7.80
N LYS A 59 5.84 -8.89 8.58
CA LYS A 59 6.92 -9.37 9.44
C LYS A 59 6.36 -9.86 10.77
N GLN A 60 5.63 -8.99 11.46
CA GLN A 60 5.04 -9.35 12.75
C GLN A 60 4.23 -10.65 12.64
N GLN A 61 3.71 -10.91 11.45
CA GLN A 61 2.93 -12.11 11.21
C GLN A 61 3.82 -13.33 10.96
N GLU A 62 5.13 -13.11 10.86
CA GLU A 62 6.08 -14.18 10.64
C GLU A 62 7.24 -14.11 11.62
ZN ZN B . 6.66 3.91 1.59
ZN ZN C . -0.54 -3.40 8.01
N GLN A 3 -13.70 27.36 -9.02
CA GLN A 3 -13.01 26.49 -10.00
C GLN A 3 -11.51 26.73 -9.98
N GLU A 4 -10.73 25.65 -10.12
CA GLU A 4 -9.28 25.75 -10.12
C GLU A 4 -8.65 24.38 -10.35
N GLN A 5 -8.96 23.44 -9.47
CA GLN A 5 -8.42 22.08 -9.59
C GLN A 5 -6.90 22.08 -9.45
N LYS A 6 -6.38 21.15 -8.65
CA LYS A 6 -4.94 21.05 -8.43
C LYS A 6 -4.48 19.59 -8.57
N GLY A 7 -3.61 19.35 -9.54
CA GLY A 7 -3.11 18.00 -9.75
C GLY A 7 -2.05 17.61 -8.75
N ASP A 8 -2.34 16.60 -7.95
CA ASP A 8 -1.40 16.12 -6.93
C ASP A 8 -1.31 14.61 -6.95
N ALA A 9 -0.09 14.10 -7.12
CA ALA A 9 0.14 12.66 -7.17
C ALA A 9 -0.05 12.02 -5.80
N PRO A 10 -0.13 10.68 -5.76
CA PRO A 10 -0.32 9.92 -4.52
C PRO A 10 0.99 9.76 -3.75
N THR A 11 0.90 9.50 -2.46
CA THR A 11 2.10 9.35 -1.64
C THR A 11 2.03 8.17 -0.69
N CYS A 12 3.20 7.70 -0.31
CA CYS A 12 3.35 6.58 0.61
C CYS A 12 3.12 7.05 2.05
N GLY A 13 2.16 6.42 2.74
CA GLY A 13 1.87 6.79 4.12
C GLY A 13 2.92 6.33 5.11
N ILE A 14 3.97 5.68 4.62
CA ILE A 14 5.04 5.20 5.48
C ILE A 14 6.26 6.12 5.40
N CYS A 15 6.96 6.10 4.27
CA CYS A 15 8.14 6.94 4.10
C CYS A 15 7.80 8.30 3.48
N HIS A 16 6.60 8.42 2.93
CA HIS A 16 6.16 9.67 2.33
C HIS A 16 7.08 10.08 1.18
N LYS A 17 7.71 9.10 0.55
CA LYS A 17 8.62 9.36 -0.56
C LYS A 17 8.07 8.79 -1.86
N THR A 18 7.96 7.46 -1.91
CA THR A 18 7.45 6.78 -3.08
C THR A 18 6.00 7.16 -3.34
N LYS A 19 5.74 7.73 -4.51
CA LYS A 19 4.40 8.13 -4.90
C LYS A 19 3.75 7.04 -5.73
N PHE A 20 2.46 6.81 -5.50
CA PHE A 20 1.76 5.77 -6.24
C PHE A 20 1.54 6.18 -7.69
N ALA A 21 1.05 5.25 -8.50
CA ALA A 21 0.80 5.51 -9.91
C ALA A 21 0.10 6.86 -10.13
N ASP A 22 -1.19 6.90 -9.85
CA ASP A 22 -1.97 8.12 -10.01
C ASP A 22 -3.37 7.94 -9.43
N GLY A 23 -3.45 7.42 -8.21
CA GLY A 23 -4.73 7.21 -7.56
C GLY A 23 -4.61 6.53 -6.22
N CYS A 24 -4.37 5.22 -6.24
CA CYS A 24 -4.23 4.45 -5.02
C CYS A 24 -3.17 3.36 -5.18
N GLY A 25 -2.14 3.43 -4.34
CA GLY A 25 -1.07 2.44 -4.40
C GLY A 25 -1.41 1.16 -3.67
N HIS A 26 -0.48 0.69 -2.85
CA HIS A 26 -0.69 -0.54 -2.09
C HIS A 26 -1.18 -0.21 -0.69
N ASN A 27 -2.29 -0.81 -0.29
CA ASN A 27 -2.87 -0.56 1.03
C ASN A 27 -2.80 -1.80 1.92
N CYS A 28 -2.32 -1.61 3.14
CA CYS A 28 -2.19 -2.71 4.09
C CYS A 28 -3.53 -3.41 4.30
N SER A 29 -3.53 -4.72 4.09
CA SER A 29 -4.74 -5.52 4.26
C SER A 29 -5.29 -5.39 5.67
N TYR A 30 -4.45 -4.94 6.60
CA TYR A 30 -4.87 -4.80 7.99
C TYR A 30 -5.04 -3.32 8.37
N CYS A 31 -3.92 -2.63 8.55
CA CYS A 31 -3.92 -1.22 8.91
C CYS A 31 -4.67 -0.37 7.89
N GLN A 32 -4.73 -0.87 6.65
CA GLN A 32 -5.40 -0.16 5.56
C GLN A 32 -4.59 1.06 5.11
N THR A 33 -3.40 1.25 5.69
CA THR A 33 -2.56 2.38 5.33
C THR A 33 -2.02 2.24 3.92
N LYS A 34 -1.85 3.37 3.24
CA LYS A 34 -1.34 3.36 1.87
C LYS A 34 0.18 3.37 1.87
N PHE A 35 0.77 2.25 1.44
CA PHE A 35 2.22 2.14 1.38
C PHE A 35 2.69 1.76 -0.01
N CYS A 36 3.98 1.97 -0.25
CA CYS A 36 4.58 1.68 -1.55
C CYS A 36 5.03 0.23 -1.63
N ALA A 37 5.38 -0.22 -2.83
CA ALA A 37 5.82 -1.59 -3.04
C ALA A 37 7.02 -1.94 -2.16
N ARG A 38 7.71 -0.91 -1.67
CA ARG A 38 8.88 -1.10 -0.81
C ARG A 38 8.51 -1.10 0.67
N CYS A 39 7.30 -0.65 0.98
CA CYS A 39 6.84 -0.60 2.36
C CYS A 39 5.78 -1.68 2.62
N GLY A 40 5.84 -2.75 1.83
CA GLY A 40 4.91 -3.85 1.98
C GLY A 40 5.26 -5.03 1.11
N GLY A 41 4.33 -5.97 0.97
CA GLY A 41 4.57 -7.15 0.15
C GLY A 41 3.31 -7.66 -0.53
N ARG A 42 3.50 -8.37 -1.62
CA ARG A 42 2.37 -8.93 -2.37
C ARG A 42 2.00 -10.31 -1.84
N VAL A 43 0.71 -10.52 -1.59
CA VAL A 43 0.22 -11.79 -1.07
C VAL A 43 -1.03 -12.26 -1.81
N SER A 44 -0.83 -13.02 -2.88
CA SER A 44 -1.95 -13.52 -3.67
C SER A 44 -2.35 -14.92 -3.19
N LEU A 45 -3.56 -15.02 -2.64
CA LEU A 45 -4.06 -16.30 -2.13
C LEU A 45 -4.88 -17.02 -3.20
N ARG A 46 -5.45 -18.16 -2.82
CA ARG A 46 -6.27 -18.95 -3.74
C ARG A 46 -7.35 -18.10 -4.40
N SER A 47 -8.03 -18.68 -5.38
CA SER A 47 -9.09 -18.00 -6.11
C SER A 47 -8.55 -16.76 -6.82
N ASN A 48 -8.37 -15.67 -6.08
CA ASN A 48 -7.86 -14.43 -6.65
C ASN A 48 -7.87 -13.31 -5.61
N LYS A 49 -7.53 -13.66 -4.37
CA LYS A 49 -7.51 -12.70 -3.29
C LYS A 49 -6.17 -11.96 -3.23
N VAL A 50 -6.11 -10.81 -3.88
CA VAL A 50 -4.90 -10.01 -3.90
C VAL A 50 -4.91 -8.95 -2.81
N MET A 51 -4.04 -9.12 -1.81
CA MET A 51 -3.95 -8.17 -0.71
C MET A 51 -2.51 -7.92 -0.32
N TRP A 52 -2.21 -6.67 -0.01
CA TRP A 52 -0.87 -6.27 0.38
C TRP A 52 -0.75 -6.07 1.88
N VAL A 53 0.37 -6.46 2.44
CA VAL A 53 0.62 -6.33 3.88
C VAL A 53 1.90 -5.53 4.13
N CYS A 54 1.77 -4.44 4.88
CA CYS A 54 2.92 -3.59 5.18
C CYS A 54 4.02 -4.37 5.88
N ASN A 55 5.25 -3.90 5.73
CA ASN A 55 6.42 -4.52 6.34
C ASN A 55 6.25 -4.69 7.84
N LEU A 56 5.34 -3.92 8.43
CA LEU A 56 5.10 -4.00 9.87
C LEU A 56 4.20 -5.18 10.21
N CYS A 57 3.30 -5.51 9.30
CA CYS A 57 2.39 -6.61 9.48
C CYS A 57 3.00 -7.91 8.96
N ARG A 58 3.76 -7.80 7.88
CA ARG A 58 4.42 -8.95 7.27
C ARG A 58 5.42 -9.57 8.24
N LYS A 59 6.08 -8.72 9.02
CA LYS A 59 7.06 -9.18 10.00
C LYS A 59 6.40 -9.45 11.35
N GLN A 60 5.34 -8.70 11.64
CA GLN A 60 4.62 -8.86 12.89
C GLN A 60 3.73 -10.10 12.85
N GLN A 61 3.37 -10.53 11.65
CA GLN A 61 2.53 -11.71 11.48
C GLN A 61 3.16 -12.72 10.54
N GLU A 62 4.48 -12.64 10.37
CA GLU A 62 5.21 -13.54 9.50
C GLU A 62 4.55 -13.64 8.13
ZN ZN B . 6.52 3.81 1.55
ZN ZN C . -0.46 -3.25 8.00
N GLN A 3 1.27 24.14 -8.69
CA GLN A 3 0.23 25.06 -9.24
C GLN A 3 -0.93 24.27 -9.82
N GLU A 4 -0.68 23.02 -10.20
CA GLU A 4 -1.72 22.17 -10.77
C GLU A 4 -2.21 21.16 -9.74
N GLN A 5 -3.22 21.54 -8.97
CA GLN A 5 -3.79 20.67 -7.95
C GLN A 5 -5.31 20.54 -8.13
N LYS A 6 -5.78 19.31 -8.24
CA LYS A 6 -7.21 19.05 -8.43
C LYS A 6 -7.66 17.89 -7.55
N GLY A 7 -7.00 17.71 -6.40
CA GLY A 7 -7.35 16.64 -5.50
C GLY A 7 -6.23 16.30 -4.53
N ASP A 8 -5.99 15.01 -4.35
CA ASP A 8 -4.94 14.56 -3.44
C ASP A 8 -4.10 13.46 -4.09
N ALA A 9 -2.81 13.71 -4.22
CA ALA A 9 -1.90 12.75 -4.82
C ALA A 9 -1.69 11.55 -3.91
N PRO A 10 -1.23 10.42 -4.47
CA PRO A 10 -0.98 9.20 -3.71
C PRO A 10 0.40 9.21 -3.07
N THR A 11 0.46 8.98 -1.77
CA THR A 11 1.74 8.99 -1.07
C THR A 11 1.90 7.83 -0.10
N CYS A 12 3.14 7.36 0.00
CA CYS A 12 3.49 6.26 0.88
C CYS A 12 3.34 6.67 2.36
N GLY A 13 2.65 5.84 3.13
CA GLY A 13 2.44 6.14 4.54
C GLY A 13 3.67 5.90 5.40
N ILE A 14 4.76 5.49 4.78
CA ILE A 14 6.00 5.23 5.50
C ILE A 14 7.06 6.29 5.18
N CYS A 15 7.62 6.23 3.98
CA CYS A 15 8.65 7.18 3.58
C CYS A 15 8.04 8.45 2.98
N HIS A 16 6.75 8.41 2.67
CA HIS A 16 6.06 9.57 2.11
C HIS A 16 6.80 10.13 0.91
N LYS A 17 7.54 9.27 0.22
CA LYS A 17 8.31 9.68 -0.95
C LYS A 17 7.68 9.12 -2.23
N THR A 18 7.66 7.80 -2.33
CA THR A 18 7.09 7.12 -3.49
C THR A 18 5.59 7.41 -3.60
N LYS A 19 5.20 8.10 -4.67
CA LYS A 19 3.80 8.43 -4.90
C LYS A 19 3.18 7.40 -5.84
N PHE A 20 2.12 6.77 -5.38
CA PHE A 20 1.43 5.76 -6.19
C PHE A 20 0.97 6.35 -7.52
N ALA A 21 0.25 5.56 -8.31
CA ALA A 21 -0.24 6.01 -9.60
C ALA A 21 -1.42 6.96 -9.43
N ASP A 22 -2.07 7.31 -10.54
CA ASP A 22 -3.21 8.21 -10.52
C ASP A 22 -4.27 7.72 -9.54
N GLY A 23 -4.46 6.41 -9.48
CA GLY A 23 -5.43 5.84 -8.58
C GLY A 23 -4.90 5.65 -7.18
N CYS A 24 -4.57 4.42 -6.82
CA CYS A 24 -4.04 4.11 -5.51
C CYS A 24 -2.97 3.03 -5.58
N GLY A 25 -1.94 3.15 -4.75
CA GLY A 25 -0.86 2.18 -4.74
C GLY A 25 -1.22 0.94 -3.95
N HIS A 26 -0.35 0.53 -3.04
CA HIS A 26 -0.58 -0.65 -2.22
C HIS A 26 -1.11 -0.26 -0.85
N ASN A 27 -2.24 -0.84 -0.48
CA ASN A 27 -2.86 -0.54 0.81
C ASN A 27 -2.85 -1.78 1.70
N CYS A 28 -2.36 -1.60 2.92
CA CYS A 28 -2.29 -2.68 3.89
C CYS A 28 -3.64 -3.36 4.08
N SER A 29 -3.66 -4.67 3.91
CA SER A 29 -4.90 -5.45 4.06
C SER A 29 -5.44 -5.38 5.49
N TYR A 30 -4.61 -4.88 6.42
CA TYR A 30 -5.02 -4.81 7.82
C TYR A 30 -5.40 -3.39 8.23
N CYS A 31 -4.39 -2.54 8.47
CA CYS A 31 -4.64 -1.16 8.89
C CYS A 31 -4.99 -0.25 7.71
N GLN A 32 -5.12 -0.82 6.52
CA GLN A 32 -5.48 -0.04 5.33
C GLN A 32 -4.46 1.07 5.05
N THR A 33 -3.29 0.98 5.66
CA THR A 33 -2.26 1.98 5.45
C THR A 33 -1.78 1.98 4.00
N LYS A 34 -1.75 3.14 3.39
CA LYS A 34 -1.31 3.26 2.01
C LYS A 34 0.21 3.33 1.94
N PHE A 35 0.81 2.26 1.43
CA PHE A 35 2.27 2.18 1.33
C PHE A 35 2.71 1.81 -0.07
N CYS A 36 4.00 2.04 -0.33
CA CYS A 36 4.58 1.73 -1.64
C CYS A 36 5.03 0.28 -1.71
N ALA A 37 5.31 -0.18 -2.92
CA ALA A 37 5.74 -1.56 -3.13
C ALA A 37 6.99 -1.90 -2.33
N ARG A 38 7.70 -0.88 -1.87
CA ARG A 38 8.92 -1.09 -1.10
C ARG A 38 8.67 -1.07 0.41
N CYS A 39 7.48 -0.61 0.82
CA CYS A 39 7.15 -0.55 2.23
C CYS A 39 6.04 -1.54 2.58
N GLY A 40 5.98 -2.63 1.85
CA GLY A 40 4.98 -3.65 2.10
C GLY A 40 5.31 -4.98 1.44
N GLY A 41 4.36 -5.89 1.45
CA GLY A 41 4.58 -7.21 0.86
C GLY A 41 3.44 -7.65 -0.03
N ARG A 42 3.75 -8.44 -1.04
CA ARG A 42 2.75 -8.95 -1.97
C ARG A 42 2.15 -10.27 -1.46
N VAL A 43 0.84 -10.30 -1.32
CA VAL A 43 0.16 -11.49 -0.83
C VAL A 43 -1.11 -11.78 -1.63
N SER A 44 -0.98 -12.63 -2.65
CA SER A 44 -2.12 -12.98 -3.48
C SER A 44 -2.79 -14.25 -2.98
N LEU A 45 -4.11 -14.34 -3.16
CA LEU A 45 -4.86 -15.50 -2.71
C LEU A 45 -4.98 -16.53 -3.83
N ARG A 46 -3.87 -16.77 -4.53
CA ARG A 46 -3.86 -17.74 -5.62
C ARG A 46 -4.99 -17.47 -6.61
N SER A 47 -5.29 -16.18 -6.81
CA SER A 47 -6.36 -15.79 -7.72
C SER A 47 -6.22 -14.32 -8.11
N ASN A 48 -7.28 -13.77 -8.70
CA ASN A 48 -7.29 -12.37 -9.11
C ASN A 48 -7.37 -11.43 -7.90
N LYS A 49 -7.62 -11.99 -6.71
CA LYS A 49 -7.72 -11.20 -5.50
C LYS A 49 -6.33 -10.93 -4.90
N VAL A 50 -5.80 -9.75 -5.16
CA VAL A 50 -4.49 -9.37 -4.66
C VAL A 50 -4.59 -8.55 -3.37
N MET A 51 -3.73 -8.86 -2.41
CA MET A 51 -3.72 -8.15 -1.14
C MET A 51 -2.30 -7.79 -0.73
N TRP A 52 -2.15 -6.64 -0.11
CA TRP A 52 -0.84 -6.17 0.32
C TRP A 52 -0.83 -5.87 1.82
N VAL A 53 0.28 -6.20 2.47
CA VAL A 53 0.44 -5.97 3.90
C VAL A 53 1.77 -5.27 4.19
N CYS A 54 1.69 -4.15 4.89
CA CYS A 54 2.88 -3.37 5.22
C CYS A 54 3.89 -4.21 6.01
N ASN A 55 5.16 -3.86 5.83
CA ASN A 55 6.25 -4.56 6.50
C ASN A 55 6.07 -4.63 8.02
N LEU A 56 5.21 -3.78 8.57
CA LEU A 56 4.96 -3.77 10.00
C LEU A 56 3.95 -4.84 10.39
N CYS A 57 2.96 -5.05 9.54
CA CYS A 57 1.94 -6.05 9.79
C CYS A 57 2.40 -7.42 9.31
N ARG A 58 3.09 -7.44 8.18
CA ARG A 58 3.61 -8.69 7.61
C ARG A 58 4.61 -9.33 8.55
N LYS A 59 5.44 -8.50 9.20
CA LYS A 59 6.44 -8.99 10.12
C LYS A 59 5.78 -9.64 11.34
N GLN A 60 4.91 -8.88 11.99
CA GLN A 60 4.19 -9.38 13.16
C GLN A 60 3.27 -10.53 12.78
N GLN A 61 2.89 -10.58 11.51
CA GLN A 61 2.00 -11.62 11.01
C GLN A 61 2.78 -12.77 10.38
N GLU A 62 4.11 -12.62 10.28
CA GLU A 62 4.96 -13.65 9.69
C GLU A 62 4.46 -14.04 8.31
ZN ZN B . 6.99 3.78 1.34
ZN ZN C . -0.73 -3.10 7.87
N GLN A 3 -15.57 11.24 -12.60
CA GLN A 3 -14.77 11.56 -13.80
C GLN A 3 -13.76 12.67 -13.51
N GLU A 4 -14.24 13.74 -12.87
CA GLU A 4 -13.37 14.86 -12.54
C GLU A 4 -12.51 14.55 -11.31
N GLN A 5 -11.48 13.73 -11.53
CA GLN A 5 -10.58 13.34 -10.44
C GLN A 5 -9.28 14.14 -10.51
N LYS A 6 -9.19 15.19 -9.70
CA LYS A 6 -8.00 16.03 -9.65
C LYS A 6 -7.87 16.71 -8.30
N GLY A 7 -7.03 16.15 -7.44
CA GLY A 7 -6.82 16.73 -6.13
C GLY A 7 -5.45 16.42 -5.56
N ASP A 8 -5.41 15.66 -4.48
CA ASP A 8 -4.16 15.29 -3.82
C ASP A 8 -3.57 14.03 -4.44
N ALA A 9 -2.27 14.07 -4.72
CA ALA A 9 -1.58 12.93 -5.31
C ALA A 9 -1.45 11.79 -4.30
N PRO A 10 -1.06 10.59 -4.78
CA PRO A 10 -0.90 9.41 -3.95
C PRO A 10 0.48 9.38 -3.29
N THR A 11 0.51 9.16 -1.98
CA THR A 11 1.79 9.13 -1.27
C THR A 11 1.89 7.96 -0.29
N CYS A 12 3.12 7.49 -0.11
CA CYS A 12 3.41 6.40 0.79
C CYS A 12 3.25 6.84 2.25
N GLY A 13 2.60 6.00 3.06
CA GLY A 13 2.39 6.34 4.46
C GLY A 13 3.61 6.08 5.34
N ILE A 14 4.73 5.76 4.72
CA ILE A 14 5.96 5.49 5.45
C ILE A 14 7.04 6.50 5.09
N CYS A 15 7.59 6.37 3.88
CA CYS A 15 8.63 7.28 3.43
C CYS A 15 8.05 8.52 2.75
N HIS A 16 6.73 8.55 2.56
CA HIS A 16 6.06 9.69 1.95
C HIS A 16 6.80 10.18 0.71
N LYS A 17 7.53 9.27 0.05
CA LYS A 17 8.28 9.63 -1.15
C LYS A 17 7.66 8.98 -2.38
N THR A 18 7.54 7.66 -2.36
CA THR A 18 6.97 6.92 -3.47
C THR A 18 5.51 7.31 -3.70
N LYS A 19 5.23 7.94 -4.83
CA LYS A 19 3.87 8.36 -5.16
C LYS A 19 3.19 7.30 -6.01
N PHE A 20 2.10 6.75 -5.49
CA PHE A 20 1.36 5.72 -6.21
C PHE A 20 0.92 6.21 -7.58
N ALA A 21 0.26 5.34 -8.33
CA ALA A 21 -0.22 5.69 -9.67
C ALA A 21 -1.36 6.69 -9.61
N ASP A 22 -2.00 6.91 -10.75
CA ASP A 22 -3.12 7.86 -10.81
C ASP A 22 -4.19 7.51 -9.78
N GLY A 23 -4.45 6.23 -9.61
CA GLY A 23 -5.46 5.79 -8.65
C GLY A 23 -4.91 5.68 -7.25
N CYS A 24 -4.55 4.46 -6.85
CA CYS A 24 -4.01 4.22 -5.52
C CYS A 24 -2.92 3.15 -5.55
N GLY A 25 -1.97 3.25 -4.63
CA GLY A 25 -0.88 2.29 -4.57
C GLY A 25 -1.24 1.04 -3.80
N HIS A 26 -0.33 0.61 -2.94
CA HIS A 26 -0.54 -0.58 -2.13
C HIS A 26 -1.02 -0.21 -0.75
N ASN A 27 -2.16 -0.75 -0.34
CA ASN A 27 -2.73 -0.48 0.96
C ASN A 27 -2.74 -1.72 1.84
N CYS A 28 -2.31 -1.55 3.09
CA CYS A 28 -2.25 -2.67 4.02
C CYS A 28 -3.61 -3.34 4.14
N SER A 29 -3.64 -4.64 3.87
CA SER A 29 -4.87 -5.41 3.95
C SER A 29 -5.47 -5.36 5.36
N TYR A 30 -4.65 -4.96 6.33
CA TYR A 30 -5.11 -4.88 7.72
C TYR A 30 -5.28 -3.42 8.17
N CYS A 31 -4.15 -2.75 8.43
CA CYS A 31 -4.16 -1.36 8.87
C CYS A 31 -4.86 -0.46 7.85
N GLN A 32 -4.86 -0.88 6.59
CA GLN A 32 -5.47 -0.10 5.51
C GLN A 32 -4.59 1.08 5.12
N THR A 33 -3.41 1.20 5.75
CA THR A 33 -2.50 2.29 5.45
C THR A 33 -1.97 2.17 4.03
N LYS A 34 -1.81 3.31 3.36
CA LYS A 34 -1.30 3.32 2.00
C LYS A 34 0.22 3.34 1.98
N PHE A 35 0.81 2.24 1.50
CA PHE A 35 2.25 2.13 1.43
C PHE A 35 2.70 1.72 0.03
N CYS A 36 3.99 1.93 -0.24
CA CYS A 36 4.57 1.59 -1.53
C CYS A 36 5.02 0.14 -1.57
N ALA A 37 5.39 -0.33 -2.75
CA ALA A 37 5.84 -1.71 -2.92
C ALA A 37 7.08 -2.00 -2.07
N ARG A 38 7.74 -0.95 -1.58
CA ARG A 38 8.94 -1.11 -0.77
C ARG A 38 8.61 -1.12 0.72
N CYS A 39 7.42 -0.64 1.08
CA CYS A 39 7.00 -0.62 2.48
C CYS A 39 5.91 -1.63 2.74
N GLY A 40 5.99 -2.77 2.07
CA GLY A 40 5.01 -3.82 2.23
C GLY A 40 5.35 -5.06 1.43
N GLY A 41 4.32 -5.84 1.06
CA GLY A 41 4.56 -7.04 0.29
C GLY A 41 3.32 -7.52 -0.45
N ARG A 42 3.53 -8.21 -1.56
CA ARG A 42 2.44 -8.74 -2.36
C ARG A 42 2.01 -10.11 -1.84
N VAL A 43 0.70 -10.39 -1.91
CA VAL A 43 0.17 -11.66 -1.45
C VAL A 43 -0.82 -12.25 -2.45
N SER A 44 -0.46 -13.37 -3.05
CA SER A 44 -1.31 -14.04 -4.02
C SER A 44 -2.17 -15.10 -3.35
N LEU A 45 -3.48 -14.89 -3.35
CA LEU A 45 -4.42 -15.83 -2.74
C LEU A 45 -4.93 -16.83 -3.76
N ARG A 46 -5.78 -16.38 -4.66
CA ARG A 46 -6.35 -17.23 -5.69
C ARG A 46 -6.48 -16.49 -7.02
N SER A 47 -5.36 -16.30 -7.70
CA SER A 47 -5.32 -15.61 -8.99
C SER A 47 -5.97 -14.23 -8.90
N ASN A 48 -7.29 -14.18 -9.00
CA ASN A 48 -8.02 -12.92 -8.95
C ASN A 48 -8.26 -12.45 -7.51
N LYS A 49 -7.19 -12.42 -6.71
CA LYS A 49 -7.28 -11.99 -5.32
C LYS A 49 -5.92 -11.49 -4.83
N VAL A 50 -5.68 -10.20 -4.98
CA VAL A 50 -4.42 -9.60 -4.57
C VAL A 50 -4.60 -8.68 -3.36
N MET A 51 -3.75 -8.87 -2.35
CA MET A 51 -3.77 -8.06 -1.15
C MET A 51 -2.36 -7.77 -0.66
N TRP A 52 -2.15 -6.55 -0.21
CA TRP A 52 -0.83 -6.14 0.26
C TRP A 52 -0.79 -6.03 1.79
N VAL A 53 0.39 -6.28 2.35
CA VAL A 53 0.59 -6.20 3.79
C VAL A 53 1.85 -5.41 4.13
N CYS A 54 1.71 -4.36 4.93
CA CYS A 54 2.83 -3.52 5.31
C CYS A 54 3.91 -4.31 6.05
N ASN A 55 5.13 -3.79 5.98
CA ASN A 55 6.28 -4.42 6.63
C ASN A 55 6.04 -4.63 8.13
N LEU A 56 5.07 -3.91 8.69
CA LEU A 56 4.78 -4.03 10.12
C LEU A 56 3.90 -5.25 10.37
N CYS A 57 3.06 -5.57 9.38
CA CYS A 57 2.18 -6.72 9.48
C CYS A 57 2.88 -7.95 8.92
N ARG A 58 3.66 -7.75 7.87
CA ARG A 58 4.40 -8.84 7.25
C ARG A 58 5.41 -9.45 8.22
N LYS A 59 5.90 -8.61 9.13
CA LYS A 59 6.87 -9.05 10.13
C LYS A 59 6.17 -9.58 11.37
N GLN A 60 5.24 -8.78 11.90
CA GLN A 60 4.49 -9.17 13.09
C GLN A 60 3.63 -10.39 12.82
N GLN A 61 3.09 -10.47 11.60
CA GLN A 61 2.24 -11.60 11.22
C GLN A 61 3.05 -12.66 10.48
N GLU A 62 4.37 -12.65 10.67
CA GLU A 62 5.24 -13.61 10.02
C GLU A 62 4.70 -15.03 10.17
ZN ZN B . 6.81 3.81 1.40
ZN ZN C . -0.68 -3.33 7.98
N GLN A 3 -13.68 14.94 -16.23
CA GLN A 3 -13.79 16.28 -15.58
C GLN A 3 -13.77 16.13 -14.05
N GLU A 4 -12.57 16.13 -13.48
CA GLU A 4 -12.41 16.00 -12.05
C GLU A 4 -11.18 16.76 -11.55
N GLN A 5 -11.34 17.50 -10.46
CA GLN A 5 -10.23 18.27 -9.89
C GLN A 5 -9.45 17.44 -8.89
N LYS A 6 -8.13 17.64 -8.87
CA LYS A 6 -7.26 16.92 -7.95
C LYS A 6 -5.98 17.70 -7.70
N GLY A 7 -5.72 18.01 -6.42
CA GLY A 7 -4.53 18.75 -6.06
C GLY A 7 -3.66 18.01 -5.07
N ASP A 8 -3.86 16.70 -4.96
CA ASP A 8 -3.09 15.88 -4.04
C ASP A 8 -2.62 14.59 -4.71
N ALA A 9 -1.32 14.47 -4.91
CA ALA A 9 -0.74 13.29 -5.54
C ALA A 9 -0.78 12.09 -4.60
N PRO A 10 -0.48 10.89 -5.11
CA PRO A 10 -0.46 9.66 -4.32
C PRO A 10 0.85 9.53 -3.57
N THR A 11 0.78 9.37 -2.25
CA THR A 11 1.99 9.27 -1.46
C THR A 11 1.96 8.12 -0.47
N CYS A 12 3.14 7.55 -0.23
CA CYS A 12 3.33 6.46 0.70
C CYS A 12 3.12 6.94 2.14
N GLY A 13 2.43 6.13 2.96
CA GLY A 13 2.19 6.51 4.33
C GLY A 13 3.33 6.17 5.28
N ILE A 14 4.49 5.87 4.72
CA ILE A 14 5.67 5.53 5.51
C ILE A 14 6.81 6.48 5.20
N CYS A 15 7.37 6.36 4.00
CA CYS A 15 8.47 7.22 3.58
C CYS A 15 7.97 8.50 2.90
N HIS A 16 6.66 8.56 2.64
CA HIS A 16 6.05 9.73 2.01
C HIS A 16 6.88 10.22 0.83
N LYS A 17 7.61 9.31 0.20
CA LYS A 17 8.43 9.64 -0.95
C LYS A 17 7.90 8.99 -2.22
N THR A 18 7.81 7.66 -2.19
CA THR A 18 7.30 6.90 -3.32
C THR A 18 5.85 7.25 -3.62
N LYS A 19 5.61 7.85 -4.78
CA LYS A 19 4.26 8.22 -5.18
C LYS A 19 3.62 7.12 -5.99
N PHE A 20 2.45 6.68 -5.57
CA PHE A 20 1.73 5.62 -6.27
C PHE A 20 1.55 5.96 -7.75
N ALA A 21 1.10 4.99 -8.53
CA ALA A 21 0.89 5.18 -9.95
C ALA A 21 0.14 6.48 -10.24
N ASP A 22 -1.13 6.53 -9.84
CA ASP A 22 -1.96 7.71 -10.04
C ASP A 22 -3.37 7.48 -9.52
N GLY A 23 -3.47 6.77 -8.40
CA GLY A 23 -4.77 6.49 -7.81
C GLY A 23 -4.72 5.38 -6.78
N CYS A 24 -4.23 5.71 -5.59
CA CYS A 24 -4.12 4.73 -4.52
C CYS A 24 -3.19 3.59 -4.91
N GLY A 25 -2.12 3.43 -4.13
CA GLY A 25 -1.15 2.37 -4.41
C GLY A 25 -1.46 1.09 -3.66
N HIS A 26 -0.50 0.64 -2.86
CA HIS A 26 -0.67 -0.58 -2.08
C HIS A 26 -1.14 -0.25 -0.67
N ASN A 27 -2.26 -0.84 -0.28
CA ASN A 27 -2.83 -0.60 1.04
C ASN A 27 -2.77 -1.84 1.91
N CYS A 28 -2.34 -1.67 3.15
CA CYS A 28 -2.24 -2.78 4.09
C CYS A 28 -3.58 -3.47 4.25
N SER A 29 -3.60 -4.78 3.99
CA SER A 29 -4.83 -5.55 4.11
C SER A 29 -5.37 -5.49 5.54
N TYR A 30 -4.53 -5.08 6.48
CA TYR A 30 -4.93 -4.99 7.87
C TYR A 30 -5.16 -3.53 8.30
N CYS A 31 -4.06 -2.80 8.49
CA CYS A 31 -4.12 -1.40 8.91
C CYS A 31 -4.83 -0.53 7.87
N GLN A 32 -4.84 -1.00 6.62
CA GLN A 32 -5.46 -0.26 5.53
C GLN A 32 -4.62 0.95 5.11
N THR A 33 -3.45 1.11 5.73
CA THR A 33 -2.57 2.23 5.42
C THR A 33 -2.04 2.13 3.99
N LYS A 34 -1.84 3.27 3.35
CA LYS A 34 -1.33 3.31 1.99
C LYS A 34 0.20 3.30 1.99
N PHE A 35 0.77 2.22 1.49
CA PHE A 35 2.22 2.09 1.43
C PHE A 35 2.70 1.75 0.03
N CYS A 36 3.99 1.96 -0.21
CA CYS A 36 4.59 1.70 -1.50
C CYS A 36 5.05 0.24 -1.60
N ALA A 37 5.46 -0.17 -2.79
CA ALA A 37 5.91 -1.54 -3.01
C ALA A 37 7.08 -1.90 -2.09
N ARG A 38 7.74 -0.89 -1.55
CA ARG A 38 8.88 -1.12 -0.66
C ARG A 38 8.48 -1.09 0.81
N CYS A 39 7.29 -0.57 1.11
CA CYS A 39 6.82 -0.51 2.48
C CYS A 39 5.69 -1.51 2.73
N GLY A 40 5.77 -2.64 2.04
CA GLY A 40 4.77 -3.67 2.20
C GLY A 40 5.14 -4.95 1.47
N GLY A 41 4.14 -5.77 1.16
CA GLY A 41 4.40 -7.02 0.47
C GLY A 41 3.19 -7.55 -0.27
N ARG A 42 3.43 -8.42 -1.24
CA ARG A 42 2.34 -9.00 -2.03
C ARG A 42 1.79 -10.26 -1.36
N VAL A 43 0.47 -10.33 -1.23
CA VAL A 43 -0.17 -11.47 -0.60
C VAL A 43 -1.28 -12.05 -1.49
N SER A 44 -0.91 -13.04 -2.30
CA SER A 44 -1.86 -13.69 -3.20
C SER A 44 -2.45 -14.93 -2.55
N LEU A 45 -3.78 -15.06 -2.61
CA LEU A 45 -4.47 -16.20 -2.02
C LEU A 45 -4.66 -17.30 -3.06
N ARG A 46 -5.13 -16.92 -4.24
CA ARG A 46 -5.37 -17.88 -5.31
C ARG A 46 -4.93 -17.31 -6.66
N SER A 47 -5.68 -16.34 -7.16
CA SER A 47 -5.35 -15.72 -8.45
C SER A 47 -6.12 -14.42 -8.62
N ASN A 48 -7.42 -14.43 -8.29
CA ASN A 48 -8.25 -13.25 -8.42
C ASN A 48 -8.45 -12.55 -7.08
N LYS A 49 -7.41 -12.59 -6.24
CA LYS A 49 -7.47 -11.95 -4.93
C LYS A 49 -6.09 -11.50 -4.47
N VAL A 50 -5.73 -10.27 -4.81
CA VAL A 50 -4.44 -9.72 -4.43
C VAL A 50 -4.56 -8.78 -3.24
N MET A 51 -3.73 -9.00 -2.22
CA MET A 51 -3.75 -8.16 -1.03
C MET A 51 -2.34 -7.77 -0.62
N TRP A 52 -2.19 -6.53 -0.22
CA TRP A 52 -0.90 -6.00 0.20
C TRP A 52 -0.85 -5.80 1.71
N VAL A 53 0.28 -6.15 2.31
CA VAL A 53 0.48 -6.01 3.75
C VAL A 53 1.79 -5.28 4.06
N CYS A 54 1.70 -4.23 4.87
CA CYS A 54 2.87 -3.43 5.22
C CYS A 54 3.96 -4.28 5.87
N ASN A 55 5.20 -3.82 5.74
CA ASN A 55 6.36 -4.51 6.29
C ASN A 55 6.21 -4.77 7.80
N LEU A 56 5.31 -4.03 8.44
CA LEU A 56 5.09 -4.19 9.88
C LEU A 56 4.17 -5.37 10.14
N CYS A 57 3.24 -5.59 9.23
CA CYS A 57 2.29 -6.68 9.33
C CYS A 57 2.85 -7.93 8.66
N ARG A 58 3.58 -7.72 7.56
CA ARG A 58 4.19 -8.81 6.82
C ARG A 58 5.20 -9.55 7.69
N LYS A 59 5.89 -8.81 8.54
CA LYS A 59 6.90 -9.38 9.43
C LYS A 59 6.26 -9.88 10.73
N GLN A 60 5.44 -9.03 11.34
CA GLN A 60 4.77 -9.38 12.58
C GLN A 60 4.00 -10.69 12.44
N GLN A 61 3.63 -11.02 11.20
CA GLN A 61 2.89 -12.24 10.94
C GLN A 61 3.77 -13.31 10.27
N GLU A 62 5.04 -12.99 10.06
CA GLU A 62 5.97 -13.93 9.44
C GLU A 62 7.30 -13.95 10.17
ZN ZN B . 6.59 3.79 1.59
ZN ZN C . -0.59 -3.38 8.03
N GLN A 3 -18.45 18.55 2.69
CA GLN A 3 -16.99 18.80 2.52
C GLN A 3 -16.32 17.64 1.80
N GLU A 4 -15.71 17.92 0.66
CA GLU A 4 -15.04 16.89 -0.13
C GLU A 4 -14.27 17.51 -1.29
N GLN A 5 -12.99 17.19 -1.39
CA GLN A 5 -12.14 17.71 -2.46
C GLN A 5 -11.47 16.58 -3.23
N LYS A 6 -11.41 16.71 -4.54
CA LYS A 6 -10.78 15.70 -5.39
C LYS A 6 -9.44 16.19 -5.93
N GLY A 7 -8.53 16.52 -5.01
CA GLY A 7 -7.23 17.01 -5.42
C GLY A 7 -6.13 16.59 -4.46
N ASP A 8 -5.99 15.28 -4.27
CA ASP A 8 -4.97 14.75 -3.37
C ASP A 8 -4.19 13.62 -4.03
N ALA A 9 -2.90 13.84 -4.23
CA ALA A 9 -2.03 12.84 -4.85
C ALA A 9 -1.82 11.65 -3.91
N PRO A 10 -1.36 10.52 -4.45
CA PRO A 10 -1.11 9.31 -3.67
C PRO A 10 0.27 9.35 -3.04
N THR A 11 0.35 9.04 -1.75
CA THR A 11 1.63 9.07 -1.04
C THR A 11 1.83 7.87 -0.12
N CYS A 12 3.09 7.46 0.01
CA CYS A 12 3.46 6.34 0.87
C CYS A 12 3.27 6.73 2.34
N GLY A 13 2.73 5.81 3.13
CA GLY A 13 2.53 6.08 4.55
C GLY A 13 3.76 5.75 5.39
N ILE A 14 4.90 5.59 4.72
CA ILE A 14 6.14 5.27 5.39
C ILE A 14 7.22 6.29 5.04
N CYS A 15 7.48 6.45 3.74
CA CYS A 15 8.49 7.39 3.27
C CYS A 15 7.87 8.78 3.10
N HIS A 16 6.56 8.81 2.86
CA HIS A 16 5.85 10.07 2.66
C HIS A 16 6.42 10.81 1.45
N LYS A 17 7.05 10.08 0.55
CA LYS A 17 7.64 10.66 -0.65
C LYS A 17 7.22 9.89 -1.90
N THR A 18 7.30 8.57 -1.82
CA THR A 18 6.92 7.71 -2.93
C THR A 18 5.43 7.86 -3.25
N LYS A 19 5.13 8.45 -4.41
CA LYS A 19 3.76 8.65 -4.81
C LYS A 19 3.28 7.50 -5.69
N PHE A 20 2.14 6.92 -5.32
CA PHE A 20 1.58 5.80 -6.08
C PHE A 20 1.24 6.22 -7.51
N ALA A 21 2.26 6.26 -8.36
CA ALA A 21 2.09 6.64 -9.75
C ALA A 21 1.28 7.93 -9.89
N ASP A 22 -0.04 7.81 -9.99
CA ASP A 22 -0.91 8.97 -10.12
C ASP A 22 -2.34 8.64 -9.70
N GLY A 23 -2.47 7.74 -8.72
CA GLY A 23 -3.79 7.36 -8.24
C GLY A 23 -3.74 6.66 -6.90
N CYS A 24 -3.53 5.35 -6.92
CA CYS A 24 -3.48 4.57 -5.68
C CYS A 24 -2.40 3.49 -5.78
N GLY A 25 -1.71 3.26 -4.66
CA GLY A 25 -0.66 2.25 -4.63
C GLY A 25 -1.09 1.00 -3.91
N HIS A 26 -0.24 0.52 -3.01
CA HIS A 26 -0.53 -0.68 -2.24
C HIS A 26 -1.10 -0.31 -0.88
N ASN A 27 -2.25 -0.89 -0.54
CA ASN A 27 -2.90 -0.59 0.73
C ASN A 27 -2.88 -1.81 1.65
N CYS A 28 -2.40 -1.60 2.86
CA CYS A 28 -2.31 -2.66 3.86
C CYS A 28 -3.67 -3.33 4.07
N SER A 29 -3.71 -4.64 3.89
CA SER A 29 -4.94 -5.40 4.07
C SER A 29 -5.43 -5.34 5.52
N TYR A 30 -4.58 -4.86 6.43
CA TYR A 30 -4.94 -4.78 7.84
C TYR A 30 -5.32 -3.36 8.26
N CYS A 31 -4.32 -2.51 8.49
CA CYS A 31 -4.58 -1.14 8.92
C CYS A 31 -4.96 -0.22 7.76
N GLN A 32 -5.11 -0.79 6.56
CA GLN A 32 -5.49 -0.01 5.39
C GLN A 32 -4.48 1.09 5.07
N THR A 33 -3.30 1.02 5.67
CA THR A 33 -2.27 2.02 5.44
C THR A 33 -1.79 1.98 3.99
N LYS A 34 -1.69 3.15 3.37
CA LYS A 34 -1.23 3.24 1.99
C LYS A 34 0.30 3.26 1.95
N PHE A 35 0.89 2.23 1.38
CA PHE A 35 2.34 2.13 1.30
C PHE A 35 2.78 1.77 -0.11
N CYS A 36 4.06 1.99 -0.39
CA CYS A 36 4.64 1.70 -1.69
C CYS A 36 5.08 0.24 -1.77
N ALA A 37 5.39 -0.21 -2.99
CA ALA A 37 5.82 -1.59 -3.21
C ALA A 37 7.04 -1.95 -2.36
N ARG A 38 7.75 -0.94 -1.86
CA ARG A 38 8.94 -1.17 -1.06
C ARG A 38 8.62 -1.21 0.44
N CYS A 39 7.44 -0.74 0.82
CA CYS A 39 7.05 -0.72 2.23
C CYS A 39 5.95 -1.74 2.50
N GLY A 40 6.04 -2.88 1.85
CA GLY A 40 5.05 -3.93 2.03
C GLY A 40 5.31 -5.14 1.16
N GLY A 41 4.63 -6.24 1.44
CA GLY A 41 4.81 -7.45 0.66
C GLY A 41 3.52 -7.90 -0.02
N ARG A 42 3.66 -8.70 -1.06
CA ARG A 42 2.50 -9.19 -1.80
C ARG A 42 1.97 -10.49 -1.18
N VAL A 43 0.65 -10.61 -1.14
CA VAL A 43 0.02 -11.79 -0.57
C VAL A 43 -1.03 -12.36 -1.54
N SER A 44 -0.58 -13.18 -2.48
CA SER A 44 -1.48 -13.78 -3.46
C SER A 44 -2.00 -15.14 -2.98
N LEU A 45 -3.29 -15.20 -2.68
CA LEU A 45 -3.90 -16.43 -2.22
C LEU A 45 -4.54 -17.20 -3.38
N ARG A 46 -3.92 -17.10 -4.55
CA ARG A 46 -4.42 -17.77 -5.74
C ARG A 46 -5.83 -17.27 -6.09
N SER A 47 -6.19 -17.39 -7.36
CA SER A 47 -7.51 -16.95 -7.81
C SER A 47 -7.66 -15.44 -7.64
N ASN A 48 -8.86 -14.94 -7.90
CA ASN A 48 -9.13 -13.51 -7.77
C ASN A 48 -9.06 -13.06 -6.32
N LYS A 49 -7.85 -13.07 -5.75
CA LYS A 49 -7.63 -12.68 -4.38
C LYS A 49 -6.24 -12.08 -4.19
N VAL A 50 -6.16 -10.76 -4.26
CA VAL A 50 -4.88 -10.07 -4.10
C VAL A 50 -4.95 -9.03 -2.99
N MET A 51 -4.08 -9.18 -1.99
CA MET A 51 -4.03 -8.25 -0.87
C MET A 51 -2.60 -8.00 -0.45
N TRP A 52 -2.31 -6.75 -0.07
CA TRP A 52 -0.97 -6.36 0.35
C TRP A 52 -0.92 -6.08 1.86
N VAL A 53 0.24 -6.34 2.45
CA VAL A 53 0.43 -6.11 3.88
C VAL A 53 1.75 -5.36 4.13
N CYS A 54 1.66 -4.24 4.83
CA CYS A 54 2.84 -3.43 5.13
C CYS A 54 3.87 -4.20 5.94
N ASN A 55 5.12 -3.78 5.84
CA ASN A 55 6.23 -4.41 6.54
C ASN A 55 6.01 -4.41 8.06
N LEU A 56 5.07 -3.60 8.54
CA LEU A 56 4.79 -3.53 9.98
C LEU A 56 3.87 -4.66 10.40
N CYS A 57 2.94 -5.02 9.52
CA CYS A 57 1.99 -6.09 9.80
C CYS A 57 2.57 -7.43 9.34
N ARG A 58 3.33 -7.39 8.24
CA ARG A 58 3.95 -8.57 7.68
C ARG A 58 4.96 -9.17 8.65
N LYS A 59 5.69 -8.31 9.35
CA LYS A 59 6.70 -8.76 10.31
C LYS A 59 6.06 -9.17 11.62
N GLN A 60 5.27 -8.27 12.20
CA GLN A 60 4.60 -8.55 13.47
C GLN A 60 3.76 -9.82 13.39
N GLN A 61 3.38 -10.18 12.17
CA GLN A 61 2.57 -11.39 11.96
C GLN A 61 3.39 -12.54 11.39
N GLU A 62 4.68 -12.31 11.18
CA GLU A 62 5.55 -13.35 10.63
C GLU A 62 6.99 -13.12 11.07
ZN ZN B . 6.91 3.79 1.30
ZN ZN C . -0.70 -3.01 7.81
N GLN A 3 -12.45 21.38 -0.81
CA GLN A 3 -12.42 22.31 0.35
C GLN A 3 -11.03 22.35 0.97
N GLU A 4 -10.46 21.17 1.22
CA GLU A 4 -9.14 21.07 1.83
C GLU A 4 -8.08 20.80 0.76
N GLN A 5 -7.84 21.78 -0.10
CA GLN A 5 -6.86 21.65 -1.16
C GLN A 5 -7.18 20.45 -2.05
N LYS A 6 -8.16 20.63 -2.93
CA LYS A 6 -8.57 19.56 -3.84
C LYS A 6 -7.48 19.30 -4.88
N GLY A 7 -6.72 18.23 -4.67
CA GLY A 7 -5.66 17.89 -5.60
C GLY A 7 -4.46 17.28 -4.90
N ASP A 8 -4.69 16.20 -4.15
CA ASP A 8 -3.63 15.52 -3.43
C ASP A 8 -3.22 14.22 -4.13
N ALA A 9 -1.95 14.15 -4.53
CA ALA A 9 -1.43 12.96 -5.21
C ALA A 9 -1.33 11.79 -4.25
N PRO A 10 -1.00 10.59 -4.76
CA PRO A 10 -0.85 9.39 -3.94
C PRO A 10 0.50 9.34 -3.25
N THR A 11 0.50 9.10 -1.95
CA THR A 11 1.76 9.07 -1.21
C THR A 11 1.84 7.89 -0.25
N CYS A 12 3.07 7.42 -0.04
CA CYS A 12 3.35 6.32 0.87
C CYS A 12 3.20 6.75 2.32
N GLY A 13 2.55 5.92 3.13
CA GLY A 13 2.34 6.24 4.53
C GLY A 13 3.54 5.90 5.41
N ILE A 14 4.67 5.61 4.79
CA ILE A 14 5.89 5.28 5.52
C ILE A 14 6.99 6.28 5.21
N CYS A 15 7.51 6.22 3.98
CA CYS A 15 8.58 7.12 3.56
C CYS A 15 8.03 8.44 2.99
N HIS A 16 6.71 8.47 2.74
CA HIS A 16 6.07 9.68 2.20
C HIS A 16 6.82 10.21 0.98
N LYS A 17 7.54 9.32 0.30
CA LYS A 17 8.29 9.70 -0.89
C LYS A 17 7.69 9.06 -2.13
N THR A 18 7.65 7.74 -2.13
CA THR A 18 7.10 6.99 -3.26
C THR A 18 5.61 7.31 -3.44
N LYS A 19 5.29 8.03 -4.52
CA LYS A 19 3.91 8.39 -4.79
C LYS A 19 3.29 7.35 -5.73
N PHE A 20 2.20 6.76 -5.28
CA PHE A 20 1.52 5.73 -6.08
C PHE A 20 1.17 6.26 -7.45
N ALA A 21 0.86 5.36 -8.37
CA ALA A 21 0.50 5.74 -9.73
C ALA A 21 -0.84 6.48 -9.76
N ASP A 22 -1.29 6.84 -10.94
CA ASP A 22 -2.57 7.54 -11.10
C ASP A 22 -3.71 6.71 -10.53
N GLY A 23 -3.94 6.84 -9.23
CA GLY A 23 -5.01 6.10 -8.59
C GLY A 23 -4.70 5.76 -7.14
N CYS A 24 -4.40 4.50 -6.88
CA CYS A 24 -4.10 4.05 -5.52
C CYS A 24 -3.00 2.99 -5.53
N GLY A 25 -1.96 3.21 -4.73
CA GLY A 25 -0.86 2.26 -4.66
C GLY A 25 -1.22 1.00 -3.91
N HIS A 26 -0.34 0.59 -3.01
CA HIS A 26 -0.56 -0.61 -2.21
C HIS A 26 -1.14 -0.25 -0.85
N ASN A 27 -2.27 -0.84 -0.50
CA ASN A 27 -2.92 -0.57 0.78
C ASN A 27 -2.88 -1.79 1.68
N CYS A 28 -2.42 -1.59 2.91
CA CYS A 28 -2.31 -2.65 3.89
C CYS A 28 -3.66 -3.35 4.09
N SER A 29 -3.66 -4.66 3.91
CA SER A 29 -4.87 -5.46 4.09
C SER A 29 -5.38 -5.42 5.52
N TYR A 30 -4.57 -4.91 6.44
CA TYR A 30 -4.96 -4.84 7.85
C TYR A 30 -5.33 -3.43 8.29
N CYS A 31 -4.32 -2.59 8.56
CA CYS A 31 -4.58 -1.22 9.00
C CYS A 31 -4.98 -0.29 7.85
N GLN A 32 -5.09 -0.85 6.64
CA GLN A 32 -5.50 -0.06 5.48
C GLN A 32 -4.50 1.05 5.15
N THR A 33 -3.32 1.00 5.75
CA THR A 33 -2.31 2.02 5.50
C THR A 33 -1.82 1.96 4.05
N LYS A 34 -1.74 3.12 3.42
CA LYS A 34 -1.28 3.21 2.03
C LYS A 34 0.24 3.22 1.98
N PHE A 35 0.81 2.17 1.41
CA PHE A 35 2.27 2.06 1.31
C PHE A 35 2.72 1.69 -0.08
N CYS A 36 4.00 1.90 -0.35
CA CYS A 36 4.59 1.59 -1.65
C CYS A 36 5.04 0.15 -1.71
N ALA A 37 5.36 -0.33 -2.90
CA ALA A 37 5.81 -1.70 -3.08
C ALA A 37 7.05 -2.02 -2.24
N ARG A 38 7.73 -0.98 -1.77
CA ARG A 38 8.94 -1.17 -0.97
C ARG A 38 8.63 -1.17 0.53
N CYS A 39 7.45 -0.67 0.90
CA CYS A 39 7.06 -0.62 2.31
C CYS A 39 5.97 -1.65 2.60
N GLY A 40 6.09 -2.80 1.96
CA GLY A 40 5.11 -3.86 2.16
C GLY A 40 5.47 -5.12 1.39
N GLY A 41 4.47 -5.94 1.12
CA GLY A 41 4.71 -7.18 0.40
C GLY A 41 3.45 -7.72 -0.26
N ARG A 42 3.64 -8.51 -1.31
CA ARG A 42 2.52 -9.11 -2.03
C ARG A 42 2.11 -10.43 -1.39
N VAL A 43 0.83 -10.55 -1.07
CA VAL A 43 0.32 -11.77 -0.45
C VAL A 43 -0.95 -12.26 -1.16
N SER A 44 -0.78 -13.26 -2.02
CA SER A 44 -1.90 -13.82 -2.76
C SER A 44 -2.49 -15.02 -2.01
N LEU A 45 -3.81 -15.12 -2.00
CA LEU A 45 -4.49 -16.22 -1.31
C LEU A 45 -4.75 -17.38 -2.26
N ARG A 46 -4.05 -17.42 -3.38
CA ARG A 46 -4.22 -18.49 -4.36
C ARG A 46 -5.70 -18.72 -4.68
N SER A 47 -6.50 -17.69 -4.49
CA SER A 47 -7.94 -17.79 -4.74
C SER A 47 -8.43 -16.61 -5.59
N ASN A 48 -7.60 -16.18 -6.52
CA ASN A 48 -7.95 -15.06 -7.39
C ASN A 48 -8.21 -13.79 -6.58
N LYS A 49 -7.31 -13.50 -5.64
CA LYS A 49 -7.44 -12.32 -4.81
C LYS A 49 -6.07 -11.84 -4.33
N VAL A 50 -5.77 -10.58 -4.59
CA VAL A 50 -4.49 -10.00 -4.20
C VAL A 50 -4.65 -9.01 -3.05
N MET A 51 -3.76 -9.10 -2.07
CA MET A 51 -3.78 -8.21 -0.92
C MET A 51 -2.37 -7.84 -0.50
N TRP A 52 -2.18 -6.58 -0.16
CA TRP A 52 -0.87 -6.08 0.25
C TRP A 52 -0.85 -5.75 1.73
N VAL A 53 0.26 -6.07 2.39
CA VAL A 53 0.43 -5.83 3.81
C VAL A 53 1.75 -5.11 4.08
N CYS A 54 1.67 -4.00 4.82
CA CYS A 54 2.86 -3.22 5.15
C CYS A 54 3.88 -4.06 5.90
N ASN A 55 5.15 -3.69 5.76
CA ASN A 55 6.26 -4.39 6.41
C ASN A 55 6.08 -4.46 7.93
N LEU A 56 5.18 -3.63 8.47
CA LEU A 56 4.94 -3.61 9.91
C LEU A 56 3.98 -4.73 10.31
N CYS A 57 3.02 -5.00 9.44
CA CYS A 57 2.04 -6.06 9.69
C CYS A 57 2.54 -7.40 9.16
N ARG A 58 3.23 -7.36 8.03
CA ARG A 58 3.77 -8.56 7.41
C ARG A 58 4.81 -9.22 8.32
N LYS A 59 5.60 -8.40 9.01
CA LYS A 59 6.64 -8.91 9.90
C LYS A 59 6.09 -9.13 11.30
N GLN A 60 5.42 -8.12 11.84
CA GLN A 60 4.85 -8.21 13.18
C GLN A 60 3.96 -9.45 13.31
N GLN A 61 3.38 -9.88 12.20
CA GLN A 61 2.50 -11.05 12.19
C GLN A 61 3.19 -12.24 11.54
N GLU A 62 4.51 -12.17 11.39
CA GLU A 62 5.27 -13.26 10.79
C GLU A 62 6.65 -13.39 11.43
ZN ZN B . 6.72 3.71 1.47
ZN ZN C . -0.71 -3.03 7.85
N GLN A 3 0.57 22.43 -6.84
CA GLN A 3 -0.07 22.52 -8.17
C GLN A 3 -1.21 21.51 -8.29
N GLU A 4 -2.24 21.68 -7.47
CA GLU A 4 -3.39 20.78 -7.48
C GLU A 4 -4.51 21.38 -8.33
N GLN A 5 -5.31 20.50 -8.93
CA GLN A 5 -6.42 20.94 -9.76
C GLN A 5 -7.52 19.89 -9.82
N LYS A 6 -7.16 18.68 -10.21
CA LYS A 6 -8.12 17.59 -10.31
C LYS A 6 -8.28 16.86 -8.97
N GLY A 7 -7.15 16.62 -8.30
CA GLY A 7 -7.19 15.93 -7.02
C GLY A 7 -5.82 15.77 -6.40
N ASP A 8 -5.76 15.11 -5.26
CA ASP A 8 -4.49 14.89 -4.56
C ASP A 8 -3.84 13.59 -5.01
N ALA A 9 -2.54 13.63 -5.27
CA ALA A 9 -1.80 12.47 -5.72
C ALA A 9 -1.66 11.44 -4.59
N PRO A 10 -1.26 10.20 -4.93
CA PRO A 10 -1.09 9.13 -3.96
C PRO A 10 0.28 9.19 -3.30
N THR A 11 0.36 8.90 -2.01
CA THR A 11 1.62 8.96 -1.29
C THR A 11 1.79 7.80 -0.31
N CYS A 12 3.06 7.45 -0.07
CA CYS A 12 3.40 6.39 0.86
C CYS A 12 3.20 6.85 2.30
N GLY A 13 2.58 6.00 3.12
CA GLY A 13 2.36 6.35 4.51
C GLY A 13 3.58 6.07 5.38
N ILE A 14 4.70 5.74 4.75
CA ILE A 14 5.93 5.45 5.45
C ILE A 14 7.01 6.46 5.08
N CYS A 15 7.30 6.57 3.78
CA CYS A 15 8.30 7.49 3.29
C CYS A 15 7.72 8.88 3.10
N HIS A 16 6.41 8.94 2.89
CA HIS A 16 5.72 10.20 2.70
C HIS A 16 6.23 10.92 1.45
N LYS A 17 6.88 10.18 0.56
CA LYS A 17 7.44 10.75 -0.66
C LYS A 17 7.08 9.89 -1.87
N THR A 18 7.22 8.59 -1.72
CA THR A 18 6.91 7.65 -2.78
C THR A 18 5.43 7.74 -3.17
N LYS A 19 5.16 8.31 -4.33
CA LYS A 19 3.79 8.46 -4.79
C LYS A 19 3.38 7.29 -5.69
N PHE A 20 2.21 6.74 -5.42
CA PHE A 20 1.70 5.62 -6.19
C PHE A 20 1.28 6.06 -7.59
N ALA A 21 2.21 6.60 -8.36
CA ALA A 21 1.92 7.05 -9.72
C ALA A 21 0.63 7.85 -9.76
N ASP A 22 0.02 7.95 -10.94
CA ASP A 22 -1.23 8.68 -11.09
C ASP A 22 -2.43 7.77 -10.84
N GLY A 23 -2.40 7.04 -9.74
CA GLY A 23 -3.49 6.14 -9.40
C GLY A 23 -3.50 5.75 -7.94
N CYS A 24 -3.25 4.47 -7.66
CA CYS A 24 -3.24 3.96 -6.29
C CYS A 24 -2.15 2.91 -6.12
N GLY A 25 -1.47 2.96 -4.97
CA GLY A 25 -0.40 1.99 -4.71
C GLY A 25 -0.89 0.77 -3.94
N HIS A 26 -0.10 0.36 -2.96
CA HIS A 26 -0.44 -0.81 -2.15
C HIS A 26 -1.04 -0.38 -0.82
N ASN A 27 -2.16 -1.00 -0.45
CA ASN A 27 -2.84 -0.68 0.79
C ASN A 27 -2.85 -1.89 1.73
N CYS A 28 -2.37 -1.66 2.95
CA CYS A 28 -2.29 -2.71 3.96
C CYS A 28 -3.65 -3.39 4.17
N SER A 29 -3.67 -4.71 4.05
CA SER A 29 -4.90 -5.47 4.23
C SER A 29 -5.42 -5.37 5.66
N TYR A 30 -4.60 -4.85 6.57
CA TYR A 30 -4.99 -4.72 7.97
C TYR A 30 -5.35 -3.27 8.34
N CYS A 31 -4.33 -2.48 8.68
CA CYS A 31 -4.56 -1.08 9.08
C CYS A 31 -4.98 -0.21 7.90
N GLN A 32 -5.00 -0.77 6.69
CA GLN A 32 -5.41 -0.03 5.50
C GLN A 32 -4.43 1.08 5.14
N THR A 33 -3.27 1.10 5.80
CA THR A 33 -2.27 2.13 5.53
C THR A 33 -1.74 2.00 4.11
N LYS A 34 -1.65 3.12 3.40
CA LYS A 34 -1.15 3.12 2.03
C LYS A 34 0.37 3.15 2.02
N PHE A 35 0.97 2.11 1.46
CA PHE A 35 2.43 2.01 1.40
C PHE A 35 2.90 1.72 -0.02
N CYS A 36 4.19 1.95 -0.25
CA CYS A 36 4.80 1.72 -1.56
C CYS A 36 5.26 0.27 -1.71
N ALA A 37 5.67 -0.10 -2.91
CA ALA A 37 6.14 -1.46 -3.18
C ALA A 37 7.28 -1.85 -2.24
N ARG A 38 7.95 -0.85 -1.66
CA ARG A 38 9.07 -1.11 -0.76
C ARG A 38 8.65 -1.15 0.70
N CYS A 39 7.45 -0.65 0.99
CA CYS A 39 6.96 -0.64 2.36
C CYS A 39 5.84 -1.65 2.55
N GLY A 40 5.88 -2.72 1.76
CA GLY A 40 4.86 -3.75 1.86
C GLY A 40 5.07 -4.88 0.88
N GLY A 41 4.41 -6.01 1.12
CA GLY A 41 4.54 -7.16 0.25
C GLY A 41 3.20 -7.67 -0.24
N ARG A 42 3.22 -8.51 -1.28
CA ARG A 42 2.00 -9.07 -1.84
C ARG A 42 1.61 -10.36 -1.13
N VAL A 43 0.34 -10.46 -0.77
CA VAL A 43 -0.17 -11.65 -0.09
C VAL A 43 -1.43 -12.18 -0.77
N SER A 44 -1.24 -13.12 -1.70
CA SER A 44 -2.35 -13.70 -2.43
C SER A 44 -2.86 -14.95 -1.71
N LEU A 45 -4.09 -14.88 -1.20
CA LEU A 45 -4.68 -16.01 -0.49
C LEU A 45 -5.52 -16.86 -1.43
N ARG A 46 -5.20 -18.16 -1.48
CA ARG A 46 -5.92 -19.09 -2.35
C ARG A 46 -5.63 -18.84 -3.82
N SER A 47 -4.59 -18.06 -4.10
CA SER A 47 -4.22 -17.74 -5.48
C SER A 47 -5.30 -16.92 -6.18
N ASN A 48 -6.21 -16.34 -5.41
CA ASN A 48 -7.29 -15.54 -5.98
C ASN A 48 -7.45 -14.23 -5.22
N LYS A 49 -7.39 -14.30 -3.90
CA LYS A 49 -7.53 -13.13 -3.06
C LYS A 49 -6.19 -12.43 -2.87
N VAL A 50 -5.93 -11.41 -3.67
CA VAL A 50 -4.69 -10.66 -3.59
C VAL A 50 -4.82 -9.44 -2.68
N MET A 51 -3.99 -9.39 -1.65
CA MET A 51 -4.00 -8.27 -0.71
C MET A 51 -2.59 -7.90 -0.29
N TRP A 52 -2.36 -6.61 -0.15
CA TRP A 52 -1.05 -6.10 0.24
C TRP A 52 -1.03 -5.71 1.71
N VAL A 53 0.06 -6.05 2.38
CA VAL A 53 0.23 -5.74 3.79
C VAL A 53 1.61 -5.12 4.05
N CYS A 54 1.63 -4.04 4.81
CA CYS A 54 2.89 -3.35 5.13
C CYS A 54 3.85 -4.29 5.85
N ASN A 55 5.14 -4.02 5.68
CA ASN A 55 6.20 -4.83 6.30
C ASN A 55 6.03 -4.94 7.81
N LEU A 56 5.25 -4.03 8.39
CA LEU A 56 5.04 -4.03 9.84
C LEU A 56 3.97 -5.05 10.21
N CYS A 57 2.95 -5.17 9.38
CA CYS A 57 1.87 -6.12 9.62
C CYS A 57 2.22 -7.47 9.01
N ARG A 58 2.90 -7.43 7.87
CA ARG A 58 3.32 -8.64 7.18
C ARG A 58 4.28 -9.44 8.03
N LYS A 59 5.06 -8.73 8.84
CA LYS A 59 6.03 -9.37 9.73
C LYS A 59 5.35 -9.81 11.02
N GLN A 60 4.47 -8.96 11.53
CA GLN A 60 3.74 -9.26 12.76
C GLN A 60 2.80 -10.43 12.53
N GLN A 61 2.26 -10.52 11.32
CA GLN A 61 1.34 -11.61 10.97
C GLN A 61 2.07 -12.75 10.27
N GLU A 62 3.41 -12.71 10.29
CA GLU A 62 4.21 -13.76 9.65
C GLU A 62 3.97 -13.80 8.14
ZN ZN B . 6.83 3.82 1.48
ZN ZN C . -0.66 -3.03 7.91
N GLN A 3 -3.18 23.82 -7.09
CA GLN A 3 -1.76 23.44 -7.17
C GLN A 3 -1.50 22.56 -8.39
N GLU A 4 -2.05 21.35 -8.36
CA GLU A 4 -1.88 20.40 -9.46
C GLU A 4 -3.07 19.46 -9.57
N GLN A 5 -3.70 19.45 -10.75
CA GLN A 5 -4.85 18.60 -11.00
C GLN A 5 -5.86 18.68 -9.85
N LYS A 6 -6.83 17.77 -9.87
CA LYS A 6 -7.86 17.73 -8.83
C LYS A 6 -7.46 16.77 -7.71
N GLY A 7 -8.21 16.82 -6.61
CA GLY A 7 -7.92 15.96 -5.48
C GLY A 7 -6.46 15.98 -5.08
N ASP A 8 -6.07 15.04 -4.21
CA ASP A 8 -4.69 14.95 -3.75
C ASP A 8 -4.00 13.72 -4.32
N ALA A 9 -2.71 13.85 -4.59
CA ALA A 9 -1.93 12.75 -5.15
C ALA A 9 -1.72 11.64 -4.10
N PRO A 10 -1.34 10.44 -4.55
CA PRO A 10 -1.10 9.30 -3.68
C PRO A 10 0.31 9.33 -3.09
N THR A 11 0.43 9.04 -1.81
CA THR A 11 1.74 9.07 -1.16
C THR A 11 1.92 7.92 -0.17
N CYS A 12 3.16 7.43 -0.07
CA CYS A 12 3.51 6.35 0.82
C CYS A 12 3.31 6.77 2.28
N GLY A 13 2.68 5.92 3.08
CA GLY A 13 2.45 6.23 4.49
C GLY A 13 3.69 6.02 5.34
N ILE A 14 4.81 5.66 4.70
CA ILE A 14 6.06 5.43 5.41
C ILE A 14 7.12 6.46 5.01
N CYS A 15 7.39 6.55 3.70
CA CYS A 15 8.38 7.48 3.19
C CYS A 15 7.77 8.86 2.97
N HIS A 16 6.45 8.89 2.78
CA HIS A 16 5.74 10.15 2.56
C HIS A 16 6.31 10.88 1.34
N LYS A 17 6.97 10.13 0.46
CA LYS A 17 7.56 10.71 -0.74
C LYS A 17 7.15 9.92 -1.98
N THR A 18 7.28 8.59 -1.90
CA THR A 18 6.93 7.73 -3.00
C THR A 18 5.44 7.83 -3.30
N LYS A 19 5.11 8.39 -4.46
CA LYS A 19 3.72 8.55 -4.86
C LYS A 19 3.26 7.39 -5.71
N PHE A 20 2.11 6.81 -5.35
CA PHE A 20 1.55 5.68 -6.06
C PHE A 20 1.18 6.07 -7.49
N ALA A 21 0.99 5.06 -8.34
CA ALA A 21 0.63 5.30 -9.73
C ALA A 21 -0.87 5.18 -9.96
N ASP A 22 -1.33 5.71 -11.09
CA ASP A 22 -2.75 5.66 -11.43
C ASP A 22 -3.59 6.46 -10.45
N GLY A 23 -3.72 5.92 -9.24
CA GLY A 23 -4.52 6.60 -8.22
C GLY A 23 -4.25 6.08 -6.82
N CYS A 24 -4.13 4.77 -6.68
CA CYS A 24 -3.87 4.16 -5.38
C CYS A 24 -2.84 3.03 -5.51
N GLY A 25 -1.79 3.12 -4.70
CA GLY A 25 -0.75 2.11 -4.73
C GLY A 25 -1.12 0.87 -3.95
N HIS A 26 -0.24 0.48 -3.02
CA HIS A 26 -0.49 -0.70 -2.20
C HIS A 26 -1.05 -0.30 -0.84
N ASN A 27 -2.20 -0.87 -0.50
CA ASN A 27 -2.85 -0.57 0.77
C ASN A 27 -2.86 -1.79 1.67
N CYS A 28 -2.41 -1.60 2.91
CA CYS A 28 -2.34 -2.66 3.89
C CYS A 28 -3.69 -3.34 4.07
N SER A 29 -3.72 -4.65 3.87
CA SER A 29 -4.94 -5.42 4.03
C SER A 29 -5.45 -5.37 5.48
N TYR A 30 -4.61 -4.90 6.39
CA TYR A 30 -4.98 -4.82 7.80
C TYR A 30 -5.32 -3.38 8.23
N CYS A 31 -4.31 -2.58 8.54
CA CYS A 31 -4.53 -1.21 8.98
C CYS A 31 -4.87 -0.26 7.83
N GLN A 32 -5.00 -0.80 6.62
CA GLN A 32 -5.34 0.01 5.45
C GLN A 32 -4.30 1.08 5.16
N THR A 33 -3.13 0.99 5.78
CA THR A 33 -2.08 1.97 5.55
C THR A 33 -1.59 1.90 4.10
N LYS A 34 -1.58 3.05 3.44
CA LYS A 34 -1.13 3.11 2.06
C LYS A 34 0.38 3.17 2.00
N PHE A 35 0.99 2.09 1.49
CA PHE A 35 2.43 2.00 1.40
C PHE A 35 2.88 1.71 -0.03
N CYS A 36 4.16 1.94 -0.27
CA CYS A 36 4.74 1.71 -1.60
C CYS A 36 5.20 0.26 -1.74
N ALA A 37 5.57 -0.12 -2.94
CA ALA A 37 6.01 -1.49 -3.21
C ALA A 37 7.18 -1.90 -2.31
N ARG A 38 7.86 -0.91 -1.74
CA ARG A 38 9.01 -1.18 -0.88
C ARG A 38 8.62 -1.21 0.60
N CYS A 39 7.45 -0.68 0.93
CA CYS A 39 6.99 -0.65 2.32
C CYS A 39 5.85 -1.65 2.55
N GLY A 40 5.91 -2.77 1.84
CA GLY A 40 4.89 -3.78 1.99
C GLY A 40 5.18 -5.02 1.15
N GLY A 41 4.33 -6.02 1.26
CA GLY A 41 4.52 -7.24 0.49
C GLY A 41 3.23 -7.79 -0.09
N ARG A 42 3.35 -8.55 -1.17
CA ARG A 42 2.20 -9.15 -1.82
C ARG A 42 1.87 -10.52 -1.23
N VAL A 43 0.60 -10.72 -0.89
CA VAL A 43 0.17 -12.00 -0.32
C VAL A 43 -1.06 -12.52 -1.03
N SER A 44 -0.97 -13.77 -1.50
CA SER A 44 -2.08 -14.40 -2.20
C SER A 44 -2.87 -15.30 -1.27
N LEU A 45 -4.18 -15.41 -1.51
CA LEU A 45 -5.04 -16.25 -0.68
C LEU A 45 -6.09 -16.94 -1.53
N ARG A 46 -5.67 -17.45 -2.68
CA ARG A 46 -6.58 -18.15 -3.59
C ARG A 46 -7.83 -17.33 -3.85
N SER A 47 -8.75 -17.88 -4.64
CA SER A 47 -9.99 -17.19 -4.97
C SER A 47 -9.70 -15.84 -5.60
N ASN A 48 -8.53 -15.71 -6.21
CA ASN A 48 -8.13 -14.46 -6.85
C ASN A 48 -8.10 -13.32 -5.85
N LYS A 49 -7.90 -13.66 -4.57
CA LYS A 49 -7.85 -12.65 -3.52
C LYS A 49 -6.44 -12.08 -3.36
N VAL A 50 -6.19 -10.98 -4.06
CA VAL A 50 -4.89 -10.32 -4.00
C VAL A 50 -4.90 -9.14 -3.02
N MET A 51 -4.07 -9.22 -1.99
CA MET A 51 -3.99 -8.16 -0.99
C MET A 51 -2.56 -7.91 -0.57
N TRP A 52 -2.28 -6.69 -0.12
CA TRP A 52 -0.94 -6.32 0.30
C TRP A 52 -0.89 -6.00 1.80
N VAL A 53 0.22 -6.36 2.44
CA VAL A 53 0.41 -6.11 3.86
C VAL A 53 1.71 -5.35 4.11
N CYS A 54 1.61 -4.27 4.87
CA CYS A 54 2.78 -3.45 5.18
C CYS A 54 3.82 -4.23 5.97
N ASN A 55 5.07 -3.81 5.83
CA ASN A 55 6.19 -4.45 6.52
C ASN A 55 5.98 -4.54 8.03
N LEU A 56 5.06 -3.73 8.56
CA LEU A 56 4.79 -3.72 9.99
C LEU A 56 3.87 -4.88 10.38
N CYS A 57 2.89 -5.16 9.53
CA CYS A 57 1.96 -6.24 9.79
C CYS A 57 2.54 -7.56 9.28
N ARG A 58 3.29 -7.49 8.19
CA ARG A 58 3.91 -8.67 7.60
C ARG A 58 4.93 -9.28 8.55
N LYS A 59 5.57 -8.43 9.35
CA LYS A 59 6.57 -8.90 10.31
C LYS A 59 5.94 -9.22 11.66
N GLN A 60 5.09 -8.31 12.14
CA GLN A 60 4.43 -8.49 13.42
C GLN A 60 3.44 -9.65 13.36
N GLN A 61 2.82 -9.84 12.19
CA GLN A 61 1.85 -10.91 12.00
C GLN A 61 1.90 -11.44 10.59
N GLU A 62 3.07 -11.91 10.16
CA GLU A 62 3.26 -12.45 8.82
C GLU A 62 2.12 -13.40 8.44
ZN ZN B . 6.96 3.79 1.37
ZN ZN C . -0.73 -3.06 7.85
N GLN A 3 -6.06 21.75 -15.25
CA GLN A 3 -6.62 22.55 -14.12
C GLN A 3 -7.33 21.66 -13.11
N GLU A 4 -6.54 20.97 -12.29
CA GLU A 4 -7.09 20.07 -11.28
C GLU A 4 -7.57 20.88 -10.06
N GLN A 5 -6.65 21.58 -9.42
CA GLN A 5 -6.97 22.38 -8.25
C GLN A 5 -7.49 21.51 -7.12
N LYS A 6 -6.84 21.58 -5.96
CA LYS A 6 -7.24 20.79 -4.80
C LYS A 6 -7.28 19.31 -5.14
N GLY A 7 -6.11 18.72 -5.35
CA GLY A 7 -6.03 17.31 -5.67
C GLY A 7 -4.76 16.66 -5.16
N ASP A 8 -4.75 16.31 -3.88
CA ASP A 8 -3.59 15.69 -3.26
C ASP A 8 -3.22 14.39 -3.98
N ALA A 9 -1.97 14.30 -4.40
CA ALA A 9 -1.48 13.11 -5.10
C ALA A 9 -1.37 11.93 -4.15
N PRO A 10 -1.06 10.73 -4.68
CA PRO A 10 -0.92 9.51 -3.88
C PRO A 10 0.46 9.42 -3.27
N THR A 11 0.53 9.19 -1.97
CA THR A 11 1.83 9.12 -1.29
C THR A 11 1.89 7.99 -0.26
N CYS A 12 3.08 7.44 -0.11
CA CYS A 12 3.34 6.37 0.83
C CYS A 12 3.24 6.88 2.27
N GLY A 13 2.57 6.12 3.13
CA GLY A 13 2.39 6.52 4.52
C GLY A 13 3.55 6.12 5.41
N ILE A 14 4.70 5.83 4.81
CA ILE A 14 5.89 5.44 5.56
C ILE A 14 7.05 6.38 5.24
N CYS A 15 7.54 6.31 4.01
CA CYS A 15 8.64 7.16 3.57
C CYS A 15 8.12 8.49 3.02
N HIS A 16 6.83 8.51 2.63
CA HIS A 16 6.20 9.71 2.11
C HIS A 16 6.95 10.27 0.91
N LYS A 17 7.45 9.40 0.04
CA LYS A 17 8.18 9.83 -1.14
C LYS A 17 7.59 9.21 -2.40
N THR A 18 7.50 7.88 -2.41
CA THR A 18 6.98 7.14 -3.55
C THR A 18 5.50 7.49 -3.78
N LYS A 19 5.20 8.05 -4.95
CA LYS A 19 3.83 8.40 -5.28
C LYS A 19 3.18 7.31 -6.11
N PHE A 20 2.06 6.79 -5.64
CA PHE A 20 1.35 5.73 -6.34
C PHE A 20 0.97 6.18 -7.75
N ALA A 21 0.36 5.28 -8.52
CA ALA A 21 -0.05 5.59 -9.88
C ALA A 21 -0.76 6.95 -9.97
N ASP A 22 -2.04 6.95 -9.66
CA ASP A 22 -2.84 8.17 -9.70
C ASP A 22 -4.11 8.04 -8.86
N GLY A 23 -4.05 7.18 -7.85
CA GLY A 23 -5.20 6.98 -6.99
C GLY A 23 -4.84 6.31 -5.68
N CYS A 24 -4.66 5.00 -5.72
CA CYS A 24 -4.31 4.24 -4.53
C CYS A 24 -3.35 3.10 -4.85
N GLY A 25 -2.14 3.18 -4.30
CA GLY A 25 -1.14 2.14 -4.56
C GLY A 25 -1.41 0.88 -3.75
N HIS A 26 -0.43 0.50 -2.94
CA HIS A 26 -0.55 -0.69 -2.11
C HIS A 26 -1.02 -0.32 -0.71
N ASN A 27 -2.15 -0.87 -0.31
CA ASN A 27 -2.73 -0.60 1.00
C ASN A 27 -2.71 -1.84 1.88
N CYS A 28 -2.27 -1.66 3.13
CA CYS A 28 -2.22 -2.76 4.08
C CYS A 28 -3.57 -3.44 4.20
N SER A 29 -3.61 -4.75 3.99
CA SER A 29 -4.85 -5.51 4.09
C SER A 29 -5.47 -5.36 5.48
N TYR A 30 -4.67 -4.92 6.45
CA TYR A 30 -5.16 -4.75 7.81
C TYR A 30 -5.31 -3.27 8.18
N CYS A 31 -4.17 -2.61 8.37
CA CYS A 31 -4.16 -1.19 8.72
C CYS A 31 -4.83 -0.33 7.65
N GLN A 32 -4.86 -0.85 6.43
CA GLN A 32 -5.45 -0.12 5.30
C GLN A 32 -4.61 1.11 4.92
N THR A 33 -3.43 1.24 5.55
CA THR A 33 -2.54 2.36 5.27
C THR A 33 -2.00 2.30 3.85
N LYS A 34 -1.85 3.45 3.22
CA LYS A 34 -1.34 3.52 1.85
C LYS A 34 0.18 3.50 1.85
N PHE A 35 0.76 2.40 1.38
CA PHE A 35 2.21 2.27 1.33
C PHE A 35 2.69 1.88 -0.07
N CYS A 36 3.98 2.07 -0.30
CA CYS A 36 4.60 1.76 -1.58
C CYS A 36 5.04 0.30 -1.63
N ALA A 37 5.47 -0.15 -2.80
CA ALA A 37 5.91 -1.54 -2.97
C ALA A 37 7.13 -1.85 -2.12
N ARG A 38 7.78 -0.82 -1.57
CA ARG A 38 8.96 -1.00 -0.74
C ARG A 38 8.62 -1.04 0.75
N CYS A 39 7.42 -0.61 1.11
CA CYS A 39 7.00 -0.61 2.51
C CYS A 39 5.92 -1.65 2.77
N GLY A 40 5.96 -2.72 2.00
CA GLY A 40 4.98 -3.79 2.16
C GLY A 40 5.31 -5.00 1.32
N GLY A 41 4.44 -6.01 1.36
CA GLY A 41 4.67 -7.22 0.59
C GLY A 41 3.41 -7.75 -0.05
N ARG A 42 3.56 -8.47 -1.16
CA ARG A 42 2.43 -9.03 -1.88
C ARG A 42 2.07 -10.40 -1.32
N VAL A 43 0.79 -10.59 -0.99
CA VAL A 43 0.31 -11.85 -0.44
C VAL A 43 -0.90 -12.36 -1.21
N SER A 44 -0.81 -13.57 -1.73
CA SER A 44 -1.90 -14.17 -2.50
C SER A 44 -2.83 -14.96 -1.59
N LEU A 45 -4.13 -14.74 -1.74
CA LEU A 45 -5.13 -15.43 -0.94
C LEU A 45 -5.63 -16.69 -1.65
N ARG A 46 -6.17 -16.50 -2.85
CA ARG A 46 -6.69 -17.62 -3.63
C ARG A 46 -5.95 -17.75 -4.96
N SER A 47 -6.11 -16.75 -5.82
CA SER A 47 -5.46 -16.75 -7.13
C SER A 47 -5.38 -15.35 -7.71
N ASN A 48 -6.54 -14.72 -7.87
CA ASN A 48 -6.60 -13.37 -8.43
C ASN A 48 -6.80 -12.32 -7.33
N LYS A 49 -7.14 -12.77 -6.13
CA LYS A 49 -7.36 -11.85 -5.02
C LYS A 49 -6.03 -11.49 -4.35
N VAL A 50 -5.44 -10.39 -4.81
CA VAL A 50 -4.17 -9.93 -4.27
C VAL A 50 -4.35 -8.85 -3.22
N MET A 51 -3.65 -9.00 -2.10
CA MET A 51 -3.72 -8.03 -1.01
C MET A 51 -2.33 -7.72 -0.50
N TRP A 52 -2.08 -6.45 -0.24
CA TRP A 52 -0.77 -6.01 0.23
C TRP A 52 -0.77 -5.76 1.74
N VAL A 53 0.29 -6.22 2.39
CA VAL A 53 0.45 -6.06 3.83
C VAL A 53 1.76 -5.37 4.16
N CYS A 54 1.70 -4.32 4.96
CA CYS A 54 2.90 -3.57 5.34
C CYS A 54 3.91 -4.47 6.02
N ASN A 55 5.18 -4.09 5.89
CA ASN A 55 6.29 -4.83 6.48
C ASN A 55 6.09 -5.06 7.98
N LEU A 56 5.25 -4.25 8.60
CA LEU A 56 4.99 -4.37 10.02
C LEU A 56 4.00 -5.50 10.28
N CYS A 57 3.09 -5.68 9.34
CA CYS A 57 2.08 -6.73 9.44
C CYS A 57 2.59 -8.01 8.81
N ARG A 58 3.47 -7.86 7.82
CA ARG A 58 4.05 -9.01 7.14
C ARG A 58 4.86 -9.87 8.09
N LYS A 59 5.62 -9.22 8.99
CA LYS A 59 6.43 -9.94 9.96
C LYS A 59 5.66 -10.18 11.25
N GLN A 60 4.97 -9.15 11.72
CA GLN A 60 4.21 -9.24 12.96
C GLN A 60 3.10 -10.31 12.83
N GLN A 61 2.55 -10.44 11.63
CA GLN A 61 1.50 -11.42 11.38
C GLN A 61 1.93 -12.48 10.38
N GLU A 62 3.24 -12.58 10.14
CA GLU A 62 3.77 -13.56 9.20
C GLU A 62 3.01 -13.54 7.88
ZN ZN B . 6.69 3.78 1.61
ZN ZN C . -0.64 -3.37 8.03
N GLN A 3 -3.78 28.58 -7.69
CA GLN A 3 -4.67 29.26 -8.67
C GLN A 3 -5.74 28.31 -9.18
N GLU A 4 -5.34 27.08 -9.50
CA GLU A 4 -6.27 26.09 -10.01
C GLU A 4 -6.61 25.05 -8.93
N GLN A 5 -5.62 24.27 -8.54
CA GLN A 5 -5.82 23.23 -7.52
C GLN A 5 -6.81 22.18 -8.01
N LYS A 6 -6.30 20.97 -8.26
CA LYS A 6 -7.15 19.89 -8.74
C LYS A 6 -7.51 18.94 -7.59
N GLY A 7 -6.50 18.22 -7.08
CA GLY A 7 -6.74 17.29 -5.99
C GLY A 7 -5.47 16.94 -5.24
N ASP A 8 -5.38 15.70 -4.80
CA ASP A 8 -4.21 15.24 -4.05
C ASP A 8 -3.71 13.91 -4.59
N ALA A 9 -2.43 13.88 -4.97
CA ALA A 9 -1.82 12.66 -5.51
C ALA A 9 -1.67 11.60 -4.42
N PRO A 10 -1.29 10.38 -4.81
CA PRO A 10 -1.10 9.26 -3.88
C PRO A 10 0.27 9.31 -3.23
N THR A 11 0.32 9.05 -1.92
CA THR A 11 1.59 9.09 -1.20
C THR A 11 1.75 7.92 -0.23
N CYS A 12 3.00 7.51 -0.04
CA CYS A 12 3.34 6.42 0.87
C CYS A 12 3.18 6.88 2.33
N GLY A 13 2.61 6.00 3.16
CA GLY A 13 2.43 6.34 4.56
C GLY A 13 3.65 6.04 5.40
N ILE A 14 4.77 5.76 4.73
CA ILE A 14 6.02 5.45 5.40
C ILE A 14 7.12 6.43 4.99
N CYS A 15 7.34 6.54 3.68
CA CYS A 15 8.37 7.44 3.16
C CYS A 15 7.79 8.83 2.94
N HIS A 16 6.48 8.90 2.76
CA HIS A 16 5.80 10.17 2.54
C HIS A 16 6.39 10.88 1.32
N LYS A 17 7.01 10.11 0.43
CA LYS A 17 7.61 10.67 -0.78
C LYS A 17 7.20 9.87 -2.00
N THR A 18 7.34 8.55 -1.90
CA THR A 18 6.97 7.66 -3.00
C THR A 18 5.47 7.77 -3.28
N LYS A 19 5.14 8.40 -4.41
CA LYS A 19 3.74 8.56 -4.79
C LYS A 19 3.29 7.42 -5.69
N PHE A 20 2.17 6.81 -5.35
CA PHE A 20 1.62 5.71 -6.12
C PHE A 20 1.24 6.14 -7.53
N ALA A 21 0.89 5.17 -8.35
CA ALA A 21 0.49 5.43 -9.73
C ALA A 21 -0.83 4.74 -10.05
N ASP A 22 -1.37 5.02 -11.23
CA ASP A 22 -2.63 4.43 -11.66
C ASP A 22 -3.77 4.78 -10.70
N GLY A 23 -3.57 5.84 -9.91
CA GLY A 23 -4.59 6.25 -8.96
C GLY A 23 -4.20 5.98 -7.52
N CYS A 24 -3.91 4.71 -7.22
CA CYS A 24 -3.53 4.32 -5.87
C CYS A 24 -2.46 3.23 -5.89
N GLY A 25 -1.67 3.15 -4.81
CA GLY A 25 -0.63 2.15 -4.72
C GLY A 25 -1.05 0.92 -3.97
N HIS A 26 -0.22 0.49 -3.03
CA HIS A 26 -0.49 -0.69 -2.23
C HIS A 26 -1.06 -0.29 -0.87
N ASN A 27 -2.16 -0.93 -0.49
CA ASN A 27 -2.80 -0.64 0.79
C ASN A 27 -2.80 -1.85 1.70
N CYS A 28 -2.34 -1.65 2.93
CA CYS A 28 -2.26 -2.72 3.91
C CYS A 28 -3.61 -3.40 4.10
N SER A 29 -3.63 -4.71 3.95
CA SER A 29 -4.86 -5.48 4.10
C SER A 29 -5.42 -5.39 5.53
N TYR A 30 -4.61 -4.88 6.45
CA TYR A 30 -5.02 -4.77 7.84
C TYR A 30 -5.38 -3.33 8.23
N CYS A 31 -4.37 -2.53 8.58
CA CYS A 31 -4.61 -1.14 8.99
C CYS A 31 -5.01 -0.25 7.80
N GLN A 32 -5.01 -0.81 6.59
CA GLN A 32 -5.39 -0.05 5.41
C GLN A 32 -4.40 1.06 5.10
N THR A 33 -3.24 1.03 5.74
CA THR A 33 -2.21 2.05 5.50
C THR A 33 -1.70 1.98 4.08
N LYS A 34 -1.61 3.14 3.42
CA LYS A 34 -1.13 3.20 2.05
C LYS A 34 0.39 3.22 2.02
N PHE A 35 0.98 2.16 1.46
CA PHE A 35 2.43 2.04 1.39
C PHE A 35 2.89 1.73 -0.03
N CYS A 36 4.18 1.95 -0.28
CA CYS A 36 4.76 1.70 -1.59
C CYS A 36 5.22 0.25 -1.73
N ALA A 37 5.61 -0.13 -2.94
CA ALA A 37 6.05 -1.50 -3.21
C ALA A 37 7.13 -1.98 -2.24
N ARG A 38 7.90 -1.06 -1.67
CA ARG A 38 8.97 -1.44 -0.75
C ARG A 38 8.55 -1.37 0.71
N CYS A 39 7.39 -0.77 0.98
CA CYS A 39 6.90 -0.68 2.35
C CYS A 39 5.76 -1.66 2.60
N GLY A 40 5.81 -2.81 1.92
CA GLY A 40 4.78 -3.82 2.08
C GLY A 40 5.16 -5.13 1.42
N GLY A 41 4.19 -6.02 1.29
CA GLY A 41 4.43 -7.31 0.66
C GLY A 41 3.22 -7.87 -0.03
N ARG A 42 3.43 -8.51 -1.18
CA ARG A 42 2.34 -9.10 -1.95
C ARG A 42 2.08 -10.53 -1.49
N VAL A 43 0.80 -10.88 -1.33
CA VAL A 43 0.42 -12.22 -0.91
C VAL A 43 -0.76 -12.75 -1.71
N SER A 44 -0.56 -13.92 -2.32
CA SER A 44 -1.61 -14.55 -3.12
C SER A 44 -2.19 -15.76 -2.41
N LEU A 45 -3.47 -15.67 -2.04
CA LEU A 45 -4.14 -16.76 -1.35
C LEU A 45 -4.87 -17.68 -2.33
N ARG A 46 -6.10 -17.32 -2.65
CA ARG A 46 -6.90 -18.12 -3.58
C ARG A 46 -8.04 -17.28 -4.17
N SER A 47 -8.68 -17.82 -5.20
CA SER A 47 -9.78 -17.11 -5.85
C SER A 47 -9.34 -15.73 -6.32
N ASN A 48 -8.06 -15.61 -6.66
CA ASN A 48 -7.50 -14.34 -7.11
C ASN A 48 -7.56 -13.29 -6.02
N LYS A 49 -7.41 -13.73 -4.77
CA LYS A 49 -7.44 -12.81 -3.64
C LYS A 49 -6.06 -12.21 -3.39
N VAL A 50 -5.79 -11.09 -4.04
CA VAL A 50 -4.52 -10.42 -3.90
C VAL A 50 -4.62 -9.24 -2.92
N MET A 51 -3.85 -9.31 -1.84
CA MET A 51 -3.86 -8.26 -0.84
C MET A 51 -2.44 -7.89 -0.42
N TRP A 52 -2.23 -6.62 -0.17
CA TRP A 52 -0.93 -6.12 0.24
C TRP A 52 -0.90 -5.76 1.72
N VAL A 53 0.18 -6.14 2.39
CA VAL A 53 0.34 -5.85 3.81
C VAL A 53 1.69 -5.18 4.08
N CYS A 54 1.66 -4.09 4.84
CA CYS A 54 2.88 -3.35 5.17
C CYS A 54 3.87 -4.25 5.89
N ASN A 55 5.15 -3.95 5.69
CA ASN A 55 6.24 -4.71 6.31
C ASN A 55 6.09 -4.81 7.82
N LEU A 56 5.28 -3.93 8.41
CA LEU A 56 5.08 -3.94 9.86
C LEU A 56 4.06 -4.99 10.27
N CYS A 57 3.00 -5.12 9.49
CA CYS A 57 1.96 -6.11 9.77
C CYS A 57 2.36 -7.47 9.23
N ARG A 58 3.00 -7.46 8.06
CA ARG A 58 3.44 -8.69 7.41
C ARG A 58 4.51 -9.39 8.25
N LYS A 59 5.34 -8.61 8.92
CA LYS A 59 6.41 -9.16 9.75
C LYS A 59 5.93 -9.41 11.18
N GLN A 60 5.40 -8.36 11.82
CA GLN A 60 4.91 -8.48 13.18
C GLN A 60 3.97 -9.66 13.34
N GLN A 61 3.23 -9.98 12.28
CA GLN A 61 2.29 -11.09 12.31
C GLN A 61 2.59 -12.08 11.19
N GLU A 62 3.86 -12.24 10.87
CA GLU A 62 4.29 -13.16 9.81
C GLU A 62 3.70 -14.55 10.04
ZN ZN B . 6.74 3.81 1.49
ZN ZN C . -0.71 -3.10 7.90
N GLN A 3 -12.10 10.10 3.28
CA GLN A 3 -12.54 10.25 1.88
C GLN A 3 -12.06 11.57 1.29
N GLU A 4 -10.78 11.61 0.88
CA GLU A 4 -10.20 12.81 0.30
C GLU A 4 -9.24 12.46 -0.83
N GLN A 5 -9.68 12.69 -2.07
CA GLN A 5 -8.87 12.41 -3.24
C GLN A 5 -9.49 13.01 -4.50
N LYS A 6 -9.48 14.34 -4.57
CA LYS A 6 -10.05 15.04 -5.71
C LYS A 6 -8.96 15.78 -6.48
N GLY A 7 -7.90 16.17 -5.79
CA GLY A 7 -6.80 16.88 -6.42
C GLY A 7 -5.48 16.68 -5.70
N ASP A 8 -5.31 15.50 -5.10
CA ASP A 8 -4.09 15.19 -4.38
C ASP A 8 -3.43 13.94 -4.93
N ALA A 9 -2.12 14.00 -5.13
CA ALA A 9 -1.36 12.88 -5.66
C ALA A 9 -1.26 11.76 -4.63
N PRO A 10 -0.88 10.55 -5.06
CA PRO A 10 -0.74 9.39 -4.19
C PRO A 10 0.61 9.37 -3.50
N THR A 11 0.61 9.24 -2.17
CA THR A 11 1.85 9.24 -1.42
C THR A 11 1.91 8.10 -0.40
N CYS A 12 3.12 7.62 -0.18
CA CYS A 12 3.36 6.55 0.78
C CYS A 12 3.18 7.06 2.20
N GLY A 13 2.40 6.32 2.99
CA GLY A 13 2.15 6.71 4.37
C GLY A 13 3.33 6.47 5.30
N ILE A 14 4.41 5.93 4.75
CA ILE A 14 5.61 5.63 5.52
C ILE A 14 6.75 6.59 5.19
N CYS A 15 7.34 6.44 4.00
CA CYS A 15 8.44 7.30 3.59
C CYS A 15 7.95 8.57 2.90
N HIS A 16 6.65 8.62 2.59
CA HIS A 16 6.06 9.79 1.94
C HIS A 16 6.88 10.23 0.73
N LYS A 17 7.61 9.28 0.14
CA LYS A 17 8.42 9.58 -1.04
C LYS A 17 7.81 8.96 -2.29
N THR A 18 7.75 7.63 -2.30
CA THR A 18 7.18 6.90 -3.44
C THR A 18 5.70 7.25 -3.62
N LYS A 19 5.38 7.84 -4.77
CA LYS A 19 4.00 8.20 -5.07
C LYS A 19 3.34 7.11 -5.89
N PHE A 20 2.23 6.59 -5.38
CA PHE A 20 1.51 5.52 -6.07
C PHE A 20 1.16 5.94 -7.49
N ALA A 21 0.61 5.00 -8.26
CA ALA A 21 0.23 5.27 -9.64
C ALA A 21 -1.25 4.98 -9.87
N ASP A 22 -1.78 5.48 -10.99
CA ASP A 22 -3.18 5.27 -11.34
C ASP A 22 -4.09 6.03 -10.38
N GLY A 23 -4.06 5.65 -9.11
CA GLY A 23 -4.89 6.29 -8.12
C GLY A 23 -4.52 5.92 -6.70
N CYS A 24 -4.26 4.63 -6.48
CA CYS A 24 -3.90 4.14 -5.16
C CYS A 24 -2.86 3.03 -5.25
N GLY A 25 -1.81 3.13 -4.44
CA GLY A 25 -0.76 2.13 -4.46
C GLY A 25 -1.13 0.89 -3.68
N HIS A 26 -0.21 0.43 -2.83
CA HIS A 26 -0.43 -0.76 -2.02
C HIS A 26 -0.93 -0.37 -0.63
N ASN A 27 -2.12 -0.86 -0.29
CA ASN A 27 -2.71 -0.56 1.00
C ASN A 27 -2.73 -1.80 1.89
N CYS A 28 -2.30 -1.63 3.13
CA CYS A 28 -2.25 -2.73 4.09
C CYS A 28 -3.62 -3.38 4.25
N SER A 29 -3.68 -4.68 3.98
CA SER A 29 -4.92 -5.42 4.10
C SER A 29 -5.48 -5.33 5.52
N TYR A 30 -4.64 -4.94 6.47
CA TYR A 30 -5.05 -4.82 7.86
C TYR A 30 -5.21 -3.36 8.26
N CYS A 31 -4.09 -2.67 8.45
CA CYS A 31 -4.10 -1.26 8.85
C CYS A 31 -4.81 -0.39 7.82
N GLN A 32 -4.84 -0.86 6.57
CA GLN A 32 -5.47 -0.12 5.48
C GLN A 32 -4.61 1.09 5.07
N THR A 33 -3.43 1.24 5.68
CA THR A 33 -2.54 2.34 5.37
C THR A 33 -1.99 2.23 3.96
N LYS A 34 -1.79 3.38 3.31
CA LYS A 34 -1.26 3.40 1.96
C LYS A 34 0.26 3.38 1.96
N PHE A 35 0.84 2.30 1.45
CA PHE A 35 2.29 2.16 1.41
C PHE A 35 2.76 1.79 0.00
N CYS A 36 4.05 1.99 -0.22
CA CYS A 36 4.66 1.69 -1.51
C CYS A 36 5.13 0.24 -1.56
N ALA A 37 5.54 -0.21 -2.74
CA ALA A 37 6.01 -1.58 -2.91
C ALA A 37 7.21 -1.88 -2.02
N ARG A 38 7.85 -0.83 -1.49
CA ARG A 38 9.01 -0.98 -0.63
C ARG A 38 8.60 -1.02 0.84
N CYS A 39 7.42 -0.50 1.15
CA CYS A 39 6.93 -0.49 2.52
C CYS A 39 5.84 -1.54 2.72
N GLY A 40 5.87 -2.57 1.88
CA GLY A 40 4.88 -3.63 1.98
C GLY A 40 5.21 -4.82 1.08
N GLY A 41 4.39 -5.85 1.17
CA GLY A 41 4.62 -7.04 0.35
C GLY A 41 3.35 -7.54 -0.31
N ARG A 42 3.51 -8.29 -1.40
CA ARG A 42 2.37 -8.84 -2.11
C ARG A 42 1.95 -10.18 -1.52
N VAL A 43 0.65 -10.36 -1.35
CA VAL A 43 0.11 -11.60 -0.79
C VAL A 43 -1.08 -12.10 -1.60
N SER A 44 -0.80 -12.84 -2.67
CA SER A 44 -1.85 -13.38 -3.52
C SER A 44 -2.20 -14.80 -3.08
N LEU A 45 -3.46 -14.98 -2.66
CA LEU A 45 -3.92 -16.28 -2.21
C LEU A 45 -4.57 -17.07 -3.34
N ARG A 46 -4.76 -18.37 -3.12
CA ARG A 46 -5.36 -19.24 -4.13
C ARG A 46 -6.89 -19.08 -4.16
N SER A 47 -7.41 -18.18 -3.33
CA SER A 47 -8.86 -17.96 -3.28
C SER A 47 -9.24 -16.74 -4.14
N ASN A 48 -8.41 -16.42 -5.12
CA ASN A 48 -8.66 -15.30 -6.01
C ASN A 48 -8.87 -14.01 -5.21
N LYS A 49 -7.88 -13.64 -4.43
CA LYS A 49 -7.94 -12.44 -3.61
C LYS A 49 -6.55 -11.84 -3.41
N VAL A 50 -6.28 -10.73 -4.10
CA VAL A 50 -4.99 -10.06 -3.99
C VAL A 50 -5.03 -8.94 -2.95
N MET A 51 -4.18 -9.06 -1.94
CA MET A 51 -4.12 -8.05 -0.88
C MET A 51 -2.69 -7.82 -0.43
N TRP A 52 -2.35 -6.56 -0.18
CA TRP A 52 -1.01 -6.20 0.26
C TRP A 52 -0.96 -5.95 1.77
N VAL A 53 0.14 -6.35 2.38
CA VAL A 53 0.33 -6.17 3.82
C VAL A 53 1.67 -5.49 4.09
N CYS A 54 1.65 -4.41 4.87
CA CYS A 54 2.86 -3.67 5.18
C CYS A 54 3.91 -4.55 5.85
N ASN A 55 5.17 -4.17 5.67
CA ASN A 55 6.30 -4.91 6.24
C ASN A 55 6.17 -5.07 7.74
N LEU A 56 5.34 -4.23 8.36
CA LEU A 56 5.15 -4.30 9.80
C LEU A 56 4.16 -5.41 10.15
N CYS A 57 3.22 -5.65 9.23
CA CYS A 57 2.23 -6.70 9.42
C CYS A 57 2.75 -8.00 8.84
N ARG A 58 3.56 -7.89 7.79
CA ARG A 58 4.13 -9.06 7.14
C ARG A 58 5.06 -9.82 8.08
N LYS A 59 5.75 -9.08 8.95
CA LYS A 59 6.68 -9.68 9.90
C LYS A 59 5.98 -10.06 11.21
N GLN A 60 5.15 -9.15 11.72
CA GLN A 60 4.43 -9.38 12.96
C GLN A 60 3.21 -10.27 12.75
N GLN A 61 2.54 -10.09 11.62
CA GLN A 61 1.35 -10.87 11.32
C GLN A 61 1.59 -11.80 10.13
N GLU A 62 2.84 -12.18 9.91
CA GLU A 62 3.19 -13.07 8.82
C GLU A 62 2.58 -12.59 7.50
ZN ZN B . 6.65 3.86 1.56
ZN ZN C . -0.57 -3.36 8.00
#